data_5F8F
#
_entry.id   5F8F
#
_cell.length_a   108.958
_cell.length_b   141.118
_cell.length_c   96.970
_cell.angle_alpha   90.000
_cell.angle_beta   98.380
_cell.angle_gamma   90.000
#
_symmetry.space_group_name_H-M   'C 1 2 1'
#
loop_
_entity.id
_entity.type
_entity.pdbx_description
1 polymer Methyltransferase
2 non-polymer SINEFUNGIN
3 non-polymer GLYCEROL
4 water water
#
_entity_poly.entity_id   1
_entity_poly.type   'polypeptide(L)'
_entity_poly.pdbx_seq_one_letter_code
;MGSSHHHHHHSSGLVPRGSHMETTEEFGNRFVAAIDSAGLAILVSVGHQTGLLDTMAGLPPATSMEIAEAAGLEERYVRE
WLGGMTTGQIVEYDAGSSTYSLPAHRAGMLTRAAGPDNLAVIAQFVSLLGEVEQKVIRCFREGGGVPYSEYPRFHKLMAE
MSGMVFDAALIDVVLPLVDGLPDRLRSGADVADFGCGSGRAVKLMAQAFGASRFTGIDFSDEAVAAGTEEAARLGLANAT
FERHDLAELDKVGAYDVITVFDAIHDQAQPARVLQNIYRALRPGGVLLMVDIKASSQLEDNVGVPLSTYLYTTSLMH
(CSD)MTVSLALDGAGLGTVWGRQLATSMLADAGFTDVTVAEIESDVLNNYYIARKLEHHHHHH
;
_entity_poly.pdbx_strand_id   A,B,C
#
loop_
_chem_comp.id
_chem_comp.type
_chem_comp.name
_chem_comp.formula
GOL non-polymer GLYCEROL 'C3 H8 O3'
SFG non-polymer SINEFUNGIN 'C15 H23 N7 O5'
#
# COMPACT_ATOMS: atom_id res chain seq x y z
N MET A 21 -4.25 11.76 16.13
CA MET A 21 -5.20 11.03 15.23
C MET A 21 -4.45 10.00 14.39
N GLU A 22 -5.16 8.92 14.08
CA GLU A 22 -4.65 7.88 13.20
C GLU A 22 -4.76 8.33 11.73
N THR A 23 -3.68 8.13 10.99
CA THR A 23 -3.68 8.40 9.56
C THR A 23 -4.15 7.20 8.75
N THR A 24 -4.52 7.48 7.50
CA THR A 24 -4.86 6.50 6.49
C THR A 24 -3.76 5.41 6.42
N GLU A 25 -2.50 5.82 6.40
CA GLU A 25 -1.37 4.88 6.35
C GLU A 25 -1.26 4.03 7.62
N GLU A 26 -1.51 4.64 8.75
CA GLU A 26 -1.48 3.91 10.00
C GLU A 26 -2.63 2.91 10.07
N PHE A 27 -3.81 3.29 9.57
CA PHE A 27 -4.94 2.39 9.62
C PHE A 27 -4.73 1.22 8.66
N GLY A 28 -4.31 1.53 7.44
CA GLY A 28 -3.95 0.52 6.45
C GLY A 28 -2.94 -0.48 6.98
N ASN A 29 -1.87 0.00 7.59
CA ASN A 29 -0.95 -0.91 8.24
C ASN A 29 -1.59 -1.73 9.37
N ARG A 30 -2.45 -1.10 10.17
CA ARG A 30 -3.10 -1.82 11.26
C ARG A 30 -4.03 -2.90 10.72
N PHE A 31 -4.85 -2.58 9.72
CA PHE A 31 -5.73 -3.60 9.18
C PHE A 31 -5.00 -4.77 8.47
N VAL A 32 -3.95 -4.47 7.72
CA VAL A 32 -3.10 -5.51 7.12
C VAL A 32 -2.48 -6.41 8.17
N ALA A 33 -2.06 -5.83 9.30
CA ALA A 33 -1.57 -6.64 10.39
C ALA A 33 -2.68 -7.53 10.97
N ALA A 34 -3.91 -7.04 11.00
CA ALA A 34 -5.05 -7.85 11.45
C ALA A 34 -5.27 -9.03 10.50
N ILE A 35 -5.14 -8.77 9.20
CA ILE A 35 -5.24 -9.85 8.20
C ILE A 35 -4.22 -10.94 8.48
N ASP A 36 -2.95 -10.57 8.65
CA ASP A 36 -1.92 -11.53 9.01
C ASP A 36 -2.21 -12.30 10.31
N SER A 37 -2.76 -11.60 11.31
CA SER A 37 -3.09 -12.22 12.59
C SER A 37 -4.23 -13.24 12.46
N ALA A 38 -5.24 -12.93 11.64
CA ALA A 38 -6.31 -13.87 11.34
C ALA A 38 -5.75 -15.16 10.75
N GLY A 39 -4.85 -15.00 9.78
CA GLY A 39 -4.12 -16.12 9.21
C GLY A 39 -3.33 -16.88 10.26
N LEU A 40 -2.60 -16.16 11.09
CA LEU A 40 -1.85 -16.82 12.16
C LEU A 40 -2.76 -17.61 13.12
N ALA A 41 -3.93 -17.07 13.44
CA ALA A 41 -4.88 -17.79 14.30
C ALA A 41 -5.31 -19.12 13.68
N ILE A 42 -5.53 -19.13 12.38
CA ILE A 42 -5.87 -20.37 11.66
C ILE A 42 -4.71 -21.37 11.69
N LEU A 43 -3.49 -20.90 11.48
CA LEU A 43 -2.33 -21.76 11.57
C LEU A 43 -2.20 -22.41 12.95
N VAL A 44 -2.44 -21.61 14.00
CA VAL A 44 -2.37 -22.14 15.37
C VAL A 44 -3.44 -23.19 15.59
N SER A 45 -4.65 -22.93 15.11
CA SER A 45 -5.73 -23.92 15.14
C SER A 45 -5.32 -25.25 14.49
N VAL A 46 -4.70 -25.14 13.31
CA VAL A 46 -4.23 -26.33 12.59
C VAL A 46 -3.14 -27.05 13.37
N GLY A 47 -2.21 -26.28 13.93
CA GLY A 47 -1.16 -26.85 14.75
C GLY A 47 -1.66 -27.58 15.99
N HIS A 48 -2.79 -27.13 16.53
CA HIS A 48 -3.41 -27.81 17.67
C HIS A 48 -4.05 -29.12 17.22
N GLN A 49 -4.88 -29.07 16.19
CA GLN A 49 -5.64 -30.25 15.76
C GLN A 49 -4.77 -31.33 15.12
N THR A 50 -3.62 -30.94 14.58
CA THR A 50 -2.68 -31.89 13.99
C THR A 50 -1.73 -32.49 15.00
N GLY A 51 -1.56 -31.83 16.15
CA GLY A 51 -0.58 -32.25 17.14
C GLY A 51 0.81 -31.71 16.90
N LEU A 52 0.97 -30.82 15.92
CA LEU A 52 2.28 -30.24 15.61
C LEU A 52 2.86 -29.40 16.73
N LEU A 53 2.00 -28.63 17.41
CA LEU A 53 2.50 -27.78 18.52
C LEU A 53 3.00 -28.66 19.68
N ASP A 54 2.25 -29.72 20.00
CA ASP A 54 2.65 -30.68 21.03
C ASP A 54 3.97 -31.36 20.66
N THR A 55 4.04 -31.87 19.43
CA THR A 55 5.25 -32.48 18.86
C THR A 55 6.44 -31.55 18.99
N MET A 56 6.31 -30.31 18.54
CA MET A 56 7.40 -29.33 18.59
C MET A 56 7.86 -28.97 20.01
N ALA A 57 6.92 -28.97 20.97
CA ALA A 57 7.24 -28.69 22.38
C ALA A 57 8.18 -29.74 22.99
N GLY A 58 8.14 -30.97 22.45
CA GLY A 58 9.01 -32.07 22.90
C GLY A 58 10.29 -32.31 22.09
N LEU A 59 10.65 -31.38 21.19
CA LEU A 59 11.82 -31.55 20.34
C LEU A 59 12.86 -30.45 20.51
N PRO A 60 14.14 -30.78 20.21
CA PRO A 60 15.13 -29.74 19.99
C PRO A 60 14.90 -29.09 18.62
N PRO A 61 15.58 -27.96 18.34
CA PRO A 61 15.55 -27.37 17.00
C PRO A 61 15.71 -28.45 15.92
N ALA A 62 14.79 -28.49 14.97
CA ALA A 62 14.69 -29.62 14.05
C ALA A 62 14.32 -29.14 12.65
N THR A 63 14.58 -29.99 11.64
CA THR A 63 14.20 -29.69 10.26
C THR A 63 12.73 -29.99 10.03
N SER A 64 12.19 -29.46 8.92
CA SER A 64 10.81 -29.69 8.58
C SER A 64 10.55 -31.19 8.49
N MET A 65 11.44 -31.90 7.79
CA MET A 65 11.37 -33.36 7.67
C MET A 65 11.42 -34.06 9.03
N GLU A 66 12.29 -33.62 9.91
CA GLU A 66 12.40 -34.19 11.26
C GLU A 66 11.11 -33.99 12.06
N ILE A 67 10.60 -32.75 12.05
CA ILE A 67 9.35 -32.44 12.75
C ILE A 67 8.21 -33.29 12.20
N ALA A 68 8.08 -33.37 10.87
CA ALA A 68 7.03 -34.20 10.25
C ALA A 68 7.12 -35.68 10.63
N GLU A 69 8.34 -36.23 10.65
CA GLU A 69 8.53 -37.61 11.10
C GLU A 69 8.04 -37.79 12.54
N ALA A 70 8.47 -36.90 13.42
CA ALA A 70 8.07 -36.92 14.84
C ALA A 70 6.55 -36.81 15.04
N ALA A 71 5.90 -35.99 14.20
CA ALA A 71 4.44 -35.76 14.25
C ALA A 71 3.61 -36.84 13.57
N GLY A 72 4.21 -37.63 12.70
CA GLY A 72 3.48 -38.63 11.90
C GLY A 72 2.67 -38.01 10.77
N LEU A 73 3.17 -36.90 10.20
CA LEU A 73 2.43 -36.12 9.20
C LEU A 73 3.23 -35.90 7.92
N GLU A 74 2.53 -35.41 6.89
CA GLU A 74 3.13 -35.15 5.58
C GLU A 74 4.00 -33.94 5.63
N GLU A 75 5.26 -34.12 5.26
CA GLU A 75 6.26 -33.06 5.39
C GLU A 75 5.94 -31.80 4.58
N ARG A 76 5.35 -31.94 3.39
CA ARG A 76 5.08 -30.78 2.56
C ARG A 76 4.07 -29.82 3.22
N TYR A 77 3.05 -30.41 3.85
CA TYR A 77 2.09 -29.64 4.66
C TYR A 77 2.75 -29.02 5.89
N VAL A 78 3.57 -29.81 6.60
CA VAL A 78 4.31 -29.30 7.77
C VAL A 78 5.18 -28.11 7.39
N ARG A 79 5.86 -28.23 6.25
CA ARG A 79 6.77 -27.20 5.78
C ARG A 79 6.07 -25.87 5.55
N GLU A 80 4.91 -25.90 4.89
CA GLU A 80 4.19 -24.66 4.61
C GLU A 80 3.63 -24.03 5.89
N TRP A 81 3.12 -24.89 6.78
CA TRP A 81 2.65 -24.48 8.10
C TRP A 81 3.77 -23.77 8.90
N LEU A 82 4.92 -24.42 9.01
CA LEU A 82 6.10 -23.83 9.66
C LEU A 82 6.44 -22.45 9.11
N GLY A 83 6.28 -22.28 7.80
CA GLY A 83 6.59 -21.01 7.15
C GLY A 83 5.73 -19.87 7.66
N GLY A 84 4.42 -20.09 7.69
CA GLY A 84 3.49 -19.09 8.23
C GLY A 84 3.69 -18.87 9.72
N MET A 85 3.94 -19.95 10.44
CA MET A 85 4.22 -19.86 11.89
C MET A 85 5.49 -19.06 12.20
N THR A 86 6.46 -19.11 11.28
CA THR A 86 7.71 -18.36 11.38
C THR A 86 7.50 -16.90 11.01
N THR A 87 6.80 -16.61 9.92
CA THR A 87 6.48 -15.21 9.59
C THR A 87 5.55 -14.58 10.64
N GLY A 88 4.75 -15.41 11.31
CA GLY A 88 3.93 -14.91 12.41
C GLY A 88 4.68 -14.72 13.72
N GLN A 89 5.94 -15.18 13.78
CA GLN A 89 6.81 -15.03 14.95
C GLN A 89 6.27 -15.78 16.15
N ILE A 90 5.84 -17.00 15.88
CA ILE A 90 5.64 -17.98 16.92
C ILE A 90 6.76 -19.00 16.85
N VAL A 91 6.91 -19.66 15.69
CA VAL A 91 8.03 -20.58 15.46
C VAL A 91 9.25 -19.75 15.09
N GLU A 92 10.43 -20.21 15.52
CA GLU A 92 11.71 -19.54 15.23
C GLU A 92 12.50 -20.40 14.25
N TYR A 93 13.11 -19.75 13.27
CA TYR A 93 13.80 -20.45 12.17
C TYR A 93 15.24 -19.98 12.06
N ASP A 94 16.16 -20.93 11.98
CA ASP A 94 17.57 -20.67 11.69
C ASP A 94 17.91 -21.11 10.26
N ALA A 95 18.14 -20.14 9.37
CA ALA A 95 18.42 -20.42 7.93
C ALA A 95 19.70 -21.24 7.69
N GLY A 96 20.71 -21.04 8.55
CA GLY A 96 21.96 -21.79 8.47
C GLY A 96 21.79 -23.30 8.55
N SER A 97 21.01 -23.76 9.52
CA SER A 97 20.77 -25.19 9.73
C SER A 97 19.43 -25.68 9.15
N SER A 98 18.62 -24.76 8.61
CA SER A 98 17.24 -25.05 8.21
C SER A 98 16.42 -25.70 9.35
N THR A 99 16.60 -25.20 10.57
CA THR A 99 15.93 -25.78 11.74
C THR A 99 14.91 -24.81 12.30
N TYR A 100 13.85 -25.38 12.86
CA TYR A 100 12.74 -24.64 13.46
C TYR A 100 12.59 -25.04 14.91
N SER A 101 12.22 -24.07 15.74
CA SER A 101 11.94 -24.36 17.15
C SER A 101 10.69 -23.61 17.60
N LEU A 102 10.02 -24.15 18.62
CA LEU A 102 8.91 -23.48 19.30
C LEU A 102 9.41 -23.08 20.68
N PRO A 103 9.71 -21.79 20.91
CA PRO A 103 10.27 -21.45 22.21
C PRO A 103 9.35 -21.83 23.35
N ALA A 104 9.95 -22.27 24.45
CA ALA A 104 9.22 -22.78 25.61
C ALA A 104 8.18 -21.80 26.14
N HIS A 105 8.48 -20.50 26.09
CA HIS A 105 7.55 -19.49 26.62
C HIS A 105 6.25 -19.35 25.80
N ARG A 106 6.32 -19.76 24.53
CA ARG A 106 5.13 -19.84 23.67
C ARG A 106 4.51 -21.21 23.76
N ALA A 107 5.34 -22.25 23.77
CA ALA A 107 4.88 -23.65 23.86
C ALA A 107 3.96 -23.91 25.04
N GLY A 108 4.23 -23.23 26.17
CA GLY A 108 3.46 -23.41 27.38
C GLY A 108 1.99 -23.08 27.24
N MET A 109 1.64 -22.09 26.44
CA MET A 109 0.23 -21.71 26.30
C MET A 109 -0.41 -22.13 24.97
N LEU A 110 0.24 -23.04 24.24
CA LEU A 110 -0.24 -23.51 22.93
C LEU A 110 -0.33 -25.02 22.82
N THR A 111 -0.17 -25.74 23.95
CA THR A 111 -0.07 -27.20 23.93
C THR A 111 -1.01 -27.87 24.91
N ARG A 112 -1.28 -29.13 24.65
CA ARG A 112 -2.21 -29.90 25.48
C ARG A 112 -1.70 -30.06 26.91
N ALA A 113 -0.38 -30.01 27.11
CA ALA A 113 0.22 -29.94 28.46
C ALA A 113 -0.42 -28.88 29.35
N ALA A 114 -0.83 -27.75 28.75
CA ALA A 114 -1.51 -26.68 29.49
C ALA A 114 -2.97 -26.90 29.85
N GLY A 115 -3.58 -28.03 29.44
CA GLY A 115 -4.97 -28.28 29.74
C GLY A 115 -5.85 -27.11 29.32
N PRO A 116 -6.72 -26.62 30.24
CA PRO A 116 -7.61 -25.52 29.84
C PRO A 116 -6.96 -24.13 29.69
N ASP A 117 -5.67 -23.99 30.04
CA ASP A 117 -4.90 -22.78 29.71
C ASP A 117 -4.30 -22.81 28.30
N ASN A 118 -4.57 -23.87 27.52
CA ASN A 118 -4.11 -23.94 26.14
C ASN A 118 -4.88 -22.95 25.27
N LEU A 119 -4.24 -21.82 24.96
CA LEU A 119 -4.88 -20.81 24.12
C LEU A 119 -5.14 -21.25 22.67
N ALA A 120 -4.38 -22.24 22.18
CA ALA A 120 -4.57 -22.74 20.82
C ALA A 120 -5.96 -23.32 20.59
N VAL A 121 -6.60 -23.77 21.67
CA VAL A 121 -7.96 -24.29 21.62
C VAL A 121 -8.92 -23.23 21.07
N ILE A 122 -8.76 -21.98 21.52
CA ILE A 122 -9.63 -20.86 21.18
C ILE A 122 -9.49 -20.50 19.69
N ALA A 123 -8.29 -20.68 19.16
CA ALA A 123 -8.01 -20.40 17.74
C ALA A 123 -8.97 -21.18 16.81
N GLN A 124 -9.40 -22.36 17.25
CA GLN A 124 -10.32 -23.19 16.46
C GLN A 124 -11.63 -22.49 16.16
N PHE A 125 -12.04 -21.57 17.03
CA PHE A 125 -13.26 -20.82 16.79
C PHE A 125 -13.23 -19.91 15.55
N VAL A 126 -12.05 -19.58 15.03
CA VAL A 126 -11.98 -18.74 13.83
C VAL A 126 -12.59 -19.46 12.62
N SER A 127 -12.18 -20.71 12.42
CA SER A 127 -12.74 -21.54 11.36
C SER A 127 -14.19 -21.90 11.64
N LEU A 128 -14.52 -22.18 12.90
CA LEU A 128 -15.92 -22.52 13.23
C LEU A 128 -16.89 -21.39 12.92
N LEU A 129 -16.48 -20.15 13.16
CA LEU A 129 -17.29 -18.98 12.82
C LEU A 129 -17.28 -18.72 11.33
N GLY A 130 -16.11 -18.84 10.70
CA GLY A 130 -15.98 -18.75 9.25
C GLY A 130 -16.86 -19.71 8.45
N GLU A 131 -17.02 -20.93 8.95
CA GLU A 131 -17.91 -21.93 8.37
C GLU A 131 -19.38 -21.47 8.26
N VAL A 132 -19.81 -20.52 9.09
CA VAL A 132 -21.20 -20.05 9.07
C VAL A 132 -21.37 -18.62 8.57
N GLU A 133 -20.29 -17.98 8.14
CA GLU A 133 -20.34 -16.60 7.63
C GLU A 133 -21.44 -16.35 6.59
N GLN A 134 -21.53 -17.20 5.58
CA GLN A 134 -22.50 -16.99 4.50
C GLN A 134 -23.92 -17.16 5.00
N LYS A 135 -24.16 -18.15 5.85
CA LYS A 135 -25.47 -18.30 6.47
C LYS A 135 -25.83 -17.08 7.30
N VAL A 136 -24.88 -16.56 8.08
CA VAL A 136 -25.15 -15.40 8.93
C VAL A 136 -25.45 -14.16 8.09
N ILE A 137 -24.68 -13.93 7.04
CA ILE A 137 -24.93 -12.80 6.13
C ILE A 137 -26.35 -12.81 5.56
N ARG A 138 -26.84 -13.98 5.19
CA ARG A 138 -28.19 -14.15 4.69
C ARG A 138 -29.22 -13.61 5.69
N CYS A 139 -29.00 -13.88 6.97
CA CYS A 139 -29.87 -13.38 8.04
C CYS A 139 -29.89 -11.86 8.22
N PHE A 140 -28.81 -11.16 7.84
CA PHE A 140 -28.83 -9.69 7.82
C PHE A 140 -29.92 -9.20 6.86
N ARG A 141 -30.11 -9.96 5.77
CA ARG A 141 -31.07 -9.62 4.72
C ARG A 141 -32.46 -10.14 5.03
N GLU A 142 -32.56 -11.40 5.45
CA GLU A 142 -33.85 -12.10 5.54
C GLU A 142 -34.42 -12.25 6.96
N GLY A 143 -33.65 -11.83 7.98
CA GLY A 143 -34.06 -12.09 9.36
C GLY A 143 -33.91 -13.54 9.74
N GLY A 144 -34.66 -13.96 10.75
CA GLY A 144 -34.52 -15.29 11.32
C GLY A 144 -33.14 -15.46 11.93
N GLY A 145 -32.64 -16.67 11.89
CA GLY A 145 -31.31 -16.97 12.37
C GLY A 145 -30.87 -18.34 11.95
N VAL A 146 -29.62 -18.65 12.28
CA VAL A 146 -29.00 -19.94 11.97
C VAL A 146 -29.35 -20.89 13.11
N PRO A 147 -29.98 -22.05 12.81
CA PRO A 147 -30.41 -22.87 13.93
C PRO A 147 -29.27 -23.57 14.66
N TYR A 148 -29.56 -23.88 15.93
CA TYR A 148 -28.67 -24.59 16.85
C TYR A 148 -28.05 -25.83 16.21
N SER A 149 -28.86 -26.57 15.47
CA SER A 149 -28.43 -27.84 14.86
C SER A 149 -27.34 -27.70 13.79
N GLU A 150 -27.15 -26.49 13.27
CA GLU A 150 -26.10 -26.22 12.28
C GLU A 150 -24.68 -26.18 12.87
N TYR A 151 -24.52 -26.29 14.20
CA TYR A 151 -23.21 -26.06 14.86
C TYR A 151 -22.69 -27.24 15.70
N PRO A 152 -22.78 -28.48 15.19
CA PRO A 152 -22.39 -29.62 16.04
C PRO A 152 -20.91 -29.64 16.47
N ARG A 153 -19.99 -29.25 15.59
CA ARG A 153 -18.58 -29.28 15.95
C ARG A 153 -18.27 -28.18 16.97
N PHE A 154 -18.91 -27.02 16.79
CA PHE A 154 -18.80 -25.88 17.71
C PHE A 154 -19.27 -26.28 19.11
N HIS A 155 -20.42 -26.93 19.19
CA HIS A 155 -20.97 -27.37 20.50
C HIS A 155 -20.14 -28.45 21.16
N LYS A 156 -19.60 -29.36 20.35
CA LYS A 156 -18.75 -30.42 20.87
C LYS A 156 -17.48 -29.84 21.50
N LEU A 157 -16.88 -28.87 20.82
CA LEU A 157 -15.68 -28.23 21.35
C LEU A 157 -15.98 -27.44 22.63
N MET A 158 -17.11 -26.74 22.66
CA MET A 158 -17.51 -26.01 23.87
C MET A 158 -17.70 -26.94 25.07
N ALA A 159 -18.35 -28.08 24.84
CA ALA A 159 -18.55 -29.10 25.90
C ALA A 159 -17.23 -29.69 26.41
N GLU A 160 -16.29 -29.88 25.49
CA GLU A 160 -14.95 -30.36 25.84
C GLU A 160 -14.19 -29.32 26.70
N MET A 161 -14.27 -28.05 26.30
CA MET A 161 -13.61 -26.99 27.06
C MET A 161 -14.21 -26.82 28.46
N SER A 162 -15.55 -26.76 28.55
CA SER A 162 -16.21 -26.66 29.85
C SER A 162 -15.85 -27.86 30.73
N GLY A 163 -15.84 -29.06 30.12
CA GLY A 163 -15.45 -30.27 30.81
C GLY A 163 -14.12 -30.18 31.52
N MET A 164 -13.10 -29.70 30.80
CA MET A 164 -11.77 -29.52 31.34
C MET A 164 -11.72 -28.48 32.48
N VAL A 165 -12.47 -27.39 32.32
CA VAL A 165 -12.56 -26.36 33.35
C VAL A 165 -13.25 -26.90 34.60
N PHE A 166 -14.35 -27.63 34.41
CA PHE A 166 -15.04 -28.24 35.55
C PHE A 166 -14.09 -29.20 36.28
N ASP A 167 -13.42 -30.09 35.53
CA ASP A 167 -12.43 -31.01 36.14
C ASP A 167 -11.39 -30.26 36.97
N ALA A 168 -10.92 -29.11 36.48
CA ALA A 168 -9.87 -28.38 37.17
C ALA A 168 -10.35 -27.55 38.36
N ALA A 169 -11.58 -27.08 38.31
CA ALA A 169 -11.96 -25.96 39.17
C ALA A 169 -13.34 -26.01 39.84
N LEU A 170 -14.25 -26.88 39.39
CA LEU A 170 -15.64 -26.78 39.89
C LEU A 170 -15.74 -26.97 41.42
N ILE A 171 -15.17 -28.06 41.90
CA ILE A 171 -15.36 -28.46 43.30
C ILE A 171 -14.55 -27.59 44.26
N ASP A 172 -13.29 -27.34 43.94
CA ASP A 172 -12.37 -26.66 44.86
C ASP A 172 -12.31 -25.14 44.71
N VAL A 173 -12.74 -24.59 43.58
CA VAL A 173 -12.65 -23.15 43.31
C VAL A 173 -14.01 -22.45 43.10
N VAL A 174 -14.86 -23.01 42.23
CA VAL A 174 -16.13 -22.36 41.89
C VAL A 174 -17.20 -22.47 42.97
N LEU A 175 -17.55 -23.69 43.38
CA LEU A 175 -18.61 -23.84 44.38
C LEU A 175 -18.28 -23.14 45.71
N PRO A 176 -17.00 -23.14 46.16
CA PRO A 176 -16.70 -22.37 47.38
C PRO A 176 -16.88 -20.85 47.27
N LEU A 177 -17.06 -20.27 46.09
CA LEU A 177 -17.45 -18.85 46.01
C LEU A 177 -18.75 -18.56 46.74
N VAL A 178 -19.64 -19.55 46.77
CA VAL A 178 -20.94 -19.35 47.38
C VAL A 178 -20.81 -19.67 48.85
N ASP A 179 -20.87 -18.64 49.70
CA ASP A 179 -20.66 -18.83 51.14
C ASP A 179 -21.63 -19.90 51.66
N GLY A 180 -21.09 -20.89 52.34
CA GLY A 180 -21.87 -21.95 52.95
C GLY A 180 -22.28 -23.09 52.03
N LEU A 181 -21.98 -22.99 50.73
CA LEU A 181 -22.45 -24.00 49.79
C LEU A 181 -21.75 -25.36 49.94
N PRO A 182 -20.41 -25.39 50.04
CA PRO A 182 -19.78 -26.70 50.24
C PRO A 182 -20.31 -27.49 51.45
N ASP A 183 -20.52 -26.81 52.59
CA ASP A 183 -21.07 -27.50 53.77
C ASP A 183 -22.49 -27.98 53.53
N ARG A 184 -23.24 -27.18 52.81
CA ARG A 184 -24.61 -27.52 52.45
C ARG A 184 -24.66 -28.78 51.57
N LEU A 185 -23.73 -28.85 50.61
CA LEU A 185 -23.61 -30.03 49.72
C LEU A 185 -23.04 -31.26 50.44
N ARG A 186 -22.11 -31.05 51.39
CA ARG A 186 -21.62 -32.13 52.26
C ARG A 186 -22.74 -32.71 53.13
N SER A 187 -23.53 -31.83 53.73
CA SER A 187 -24.65 -32.25 54.57
C SER A 187 -25.75 -32.94 53.79
N GLY A 188 -25.95 -32.52 52.54
CA GLY A 188 -26.88 -33.19 51.62
C GLY A 188 -27.99 -32.25 51.22
N ALA A 189 -28.00 -31.85 49.95
CA ALA A 189 -29.05 -30.98 49.41
C ALA A 189 -29.58 -31.55 48.12
N ASP A 190 -30.72 -31.01 47.71
CA ASP A 190 -31.28 -31.25 46.40
C ASP A 190 -30.75 -30.18 45.45
N VAL A 191 -30.01 -30.62 44.43
CA VAL A 191 -29.26 -29.75 43.54
C VAL A 191 -29.65 -30.07 42.10
N ALA A 192 -29.92 -29.04 41.29
CA ALA A 192 -30.16 -29.22 39.86
C ALA A 192 -29.19 -28.39 39.03
N ASP A 193 -28.71 -28.95 37.92
CA ASP A 193 -27.90 -28.24 36.93
C ASP A 193 -28.75 -28.03 35.68
N PHE A 194 -29.12 -26.78 35.41
CA PHE A 194 -30.02 -26.42 34.32
C PHE A 194 -29.20 -26.16 33.07
N GLY A 195 -29.51 -26.89 31.98
CA GLY A 195 -28.73 -26.83 30.75
C GLY A 195 -27.44 -27.58 30.95
N CYS A 196 -27.55 -28.84 31.40
CA CYS A 196 -26.42 -29.64 31.88
C CYS A 196 -25.53 -30.23 30.80
N GLY A 197 -25.98 -30.23 29.54
CA GLY A 197 -25.20 -30.79 28.43
C GLY A 197 -24.73 -32.20 28.74
N SER A 198 -23.45 -32.46 28.47
CA SER A 198 -22.77 -33.74 28.75
C SER A 198 -23.12 -34.35 30.10
N GLY A 199 -23.19 -33.51 31.13
CA GLY A 199 -23.38 -33.95 32.52
C GLY A 199 -22.08 -33.99 33.32
N ARG A 200 -21.00 -33.41 32.81
CA ARG A 200 -19.73 -33.45 33.50
C ARG A 200 -19.83 -32.78 34.87
N ALA A 201 -20.53 -31.64 34.94
CA ALA A 201 -20.69 -30.90 36.20
C ALA A 201 -21.44 -31.78 37.19
N VAL A 202 -22.58 -32.32 36.77
CA VAL A 202 -23.37 -33.23 37.62
C VAL A 202 -22.54 -34.42 38.13
N LYS A 203 -21.76 -35.03 37.25
CA LYS A 203 -20.94 -36.19 37.62
C LYS A 203 -19.89 -35.82 38.67
N LEU A 204 -19.18 -34.71 38.46
CA LEU A 204 -18.17 -34.28 39.43
C LEU A 204 -18.78 -33.96 40.79
N MET A 205 -19.95 -33.33 40.81
CA MET A 205 -20.58 -32.92 42.06
C MET A 205 -21.12 -34.15 42.80
N ALA A 206 -21.77 -35.04 42.07
CA ALA A 206 -22.23 -36.32 42.60
C ALA A 206 -21.11 -37.16 43.20
N GLN A 207 -19.91 -37.11 42.62
CA GLN A 207 -18.73 -37.81 43.18
C GLN A 207 -18.19 -37.15 44.45
N ALA A 208 -18.06 -35.82 44.41
CA ALA A 208 -17.58 -35.07 45.56
C ALA A 208 -18.56 -35.05 46.74
N PHE A 209 -19.86 -35.13 46.46
CA PHE A 209 -20.87 -34.92 47.50
C PHE A 209 -21.89 -36.07 47.51
N GLY A 210 -21.48 -37.20 48.10
CA GLY A 210 -22.29 -38.41 48.14
C GLY A 210 -23.64 -38.27 48.82
N ALA A 211 -23.73 -37.40 49.83
CA ALA A 211 -25.01 -37.17 50.53
C ALA A 211 -26.03 -36.29 49.79
N SER A 212 -25.61 -35.57 48.73
CA SER A 212 -26.51 -34.69 47.97
C SER A 212 -27.16 -35.44 46.81
N ARG A 213 -28.29 -34.91 46.33
CA ARG A 213 -29.06 -35.51 45.24
C ARG A 213 -29.03 -34.54 44.03
N PHE A 214 -28.46 -34.99 42.90
CA PHE A 214 -28.23 -34.15 41.71
C PHE A 214 -29.07 -34.54 40.51
N THR A 215 -29.74 -33.55 39.90
CA THR A 215 -30.45 -33.71 38.65
C THR A 215 -29.88 -32.77 37.57
N GLY A 216 -29.44 -33.35 36.46
CA GLY A 216 -29.11 -32.58 35.25
C GLY A 216 -30.35 -32.45 34.40
N ILE A 217 -30.67 -31.22 33.96
CA ILE A 217 -31.78 -30.96 33.05
C ILE A 217 -31.27 -30.37 31.72
N ASP A 218 -31.80 -30.88 30.61
CA ASP A 218 -31.43 -30.44 29.27
C ASP A 218 -32.53 -30.86 28.29
N PHE A 219 -32.74 -30.09 27.22
CA PHE A 219 -33.75 -30.46 26.22
C PHE A 219 -33.22 -31.42 25.16
N SER A 220 -31.91 -31.70 25.18
CA SER A 220 -31.30 -32.69 24.27
C SER A 220 -31.48 -34.12 24.81
N ASP A 221 -32.30 -34.92 24.13
CA ASP A 221 -32.41 -36.37 24.39
C ASP A 221 -31.05 -37.07 24.51
N GLU A 222 -30.13 -36.70 23.62
CA GLU A 222 -28.82 -37.31 23.52
C GLU A 222 -27.97 -37.01 24.77
N ALA A 223 -28.03 -35.74 25.20
CA ALA A 223 -27.43 -35.32 26.47
C ALA A 223 -27.97 -36.16 27.64
N VAL A 224 -29.28 -36.20 27.78
CA VAL A 224 -29.92 -36.88 28.89
C VAL A 224 -29.54 -38.36 28.91
N ALA A 225 -29.65 -39.01 27.75
CA ALA A 225 -29.27 -40.42 27.61
C ALA A 225 -27.83 -40.62 28.04
N ALA A 226 -26.94 -39.80 27.48
CA ALA A 226 -25.52 -39.86 27.79
C ALA A 226 -25.22 -39.71 29.30
N GLY A 227 -25.83 -38.72 29.95
CA GLY A 227 -25.67 -38.54 31.39
C GLY A 227 -26.10 -39.77 32.19
N THR A 228 -27.31 -40.25 31.91
CA THR A 228 -27.86 -41.46 32.54
C THR A 228 -26.93 -42.68 32.41
N GLU A 229 -26.44 -42.90 31.19
CA GLU A 229 -25.48 -43.97 30.90
C GLU A 229 -24.19 -43.79 31.71
N GLU A 230 -23.64 -42.58 31.73
CA GLU A 230 -22.41 -42.31 32.48
C GLU A 230 -22.59 -42.50 34.01
N ALA A 231 -23.77 -42.12 34.53
CA ALA A 231 -24.11 -42.33 35.94
C ALA A 231 -24.19 -43.82 36.26
N ALA A 232 -24.96 -44.55 35.45
CA ALA A 232 -25.04 -46.01 35.57
C ALA A 232 -23.65 -46.66 35.51
N ARG A 233 -22.84 -46.26 34.53
CA ARG A 233 -21.47 -46.80 34.42
C ARG A 233 -20.63 -46.57 35.69
N LEU A 234 -20.77 -45.41 36.32
CA LEU A 234 -20.02 -45.09 37.53
C LEU A 234 -20.74 -45.47 38.84
N GLY A 235 -21.95 -46.00 38.75
CA GLY A 235 -22.75 -46.34 39.92
C GLY A 235 -23.05 -45.13 40.77
N LEU A 236 -23.39 -44.01 40.12
CA LEU A 236 -23.76 -42.77 40.79
C LEU A 236 -25.26 -42.77 40.94
N ALA A 237 -25.74 -43.37 42.02
CA ALA A 237 -27.18 -43.44 42.32
C ALA A 237 -27.75 -42.05 42.60
N ASN A 238 -26.91 -41.14 43.09
CA ASN A 238 -27.33 -39.76 43.37
C ASN A 238 -27.36 -38.78 42.19
N ALA A 239 -27.03 -39.25 40.99
CA ALA A 239 -27.09 -38.44 39.77
C ALA A 239 -28.15 -38.95 38.82
N THR A 240 -29.12 -38.08 38.49
CA THR A 240 -30.17 -38.41 37.52
C THR A 240 -30.28 -37.30 36.49
N PHE A 241 -30.93 -37.60 35.37
CA PHE A 241 -31.07 -36.69 34.24
C PHE A 241 -32.47 -36.72 33.68
N GLU A 242 -32.99 -35.56 33.34
CA GLU A 242 -34.34 -35.44 32.84
C GLU A 242 -34.33 -34.50 31.64
N ARG A 243 -35.15 -34.83 30.63
CA ARG A 243 -35.37 -33.94 29.51
C ARG A 243 -36.51 -32.99 29.81
N HIS A 244 -36.22 -31.70 29.77
CA HIS A 244 -37.23 -30.66 29.85
C HIS A 244 -36.80 -29.50 28.96
N ASP A 245 -37.78 -28.74 28.48
CA ASP A 245 -37.54 -27.43 27.89
C ASP A 245 -37.57 -26.49 29.10
N LEU A 246 -36.46 -25.79 29.36
CA LEU A 246 -36.35 -24.98 30.57
C LEU A 246 -37.32 -23.82 30.61
N ALA A 247 -37.73 -23.34 29.43
CA ALA A 247 -38.75 -22.29 29.31
C ALA A 247 -40.14 -22.77 29.69
N GLU A 248 -40.36 -24.08 29.70
CA GLU A 248 -41.66 -24.69 30.04
C GLU A 248 -41.65 -25.41 31.39
N LEU A 249 -40.56 -25.26 32.13
CA LEU A 249 -40.39 -26.04 33.35
C LEU A 249 -41.53 -25.82 34.34
N ASP A 250 -41.82 -26.89 35.06
CA ASP A 250 -42.99 -27.04 35.89
C ASP A 250 -42.64 -27.10 37.40
N LYS A 251 -41.35 -27.16 37.73
CA LYS A 251 -40.90 -27.55 39.06
C LYS A 251 -41.15 -26.40 40.04
N VAL A 252 -41.78 -26.71 41.18
CA VAL A 252 -42.06 -25.72 42.23
C VAL A 252 -41.36 -26.12 43.52
N GLY A 253 -40.39 -25.33 43.95
CA GLY A 253 -39.72 -25.57 45.23
C GLY A 253 -39.08 -26.94 45.37
N ALA A 254 -38.48 -27.41 44.28
CA ALA A 254 -37.83 -28.72 44.24
C ALA A 254 -36.40 -28.68 44.75
N TYR A 255 -35.68 -27.57 44.57
CA TYR A 255 -34.22 -27.59 44.76
C TYR A 255 -33.72 -26.56 45.76
N ASP A 256 -32.69 -26.96 46.49
CA ASP A 256 -31.99 -26.08 47.41
C ASP A 256 -30.97 -25.25 46.63
N VAL A 257 -30.39 -25.84 45.58
CA VAL A 257 -29.31 -25.26 44.83
C VAL A 257 -29.56 -25.53 43.35
N ILE A 258 -29.52 -24.48 42.53
CA ILE A 258 -29.55 -24.61 41.08
C ILE A 258 -28.30 -23.98 40.50
N THR A 259 -27.63 -24.73 39.62
CA THR A 259 -26.45 -24.23 38.92
C THR A 259 -26.81 -24.06 37.45
N VAL A 260 -26.26 -23.02 36.83
CA VAL A 260 -26.44 -22.82 35.39
C VAL A 260 -25.12 -22.31 34.82
N PHE A 261 -24.48 -23.12 33.99
CA PHE A 261 -23.17 -22.82 33.45
C PHE A 261 -23.33 -22.54 31.97
N ASP A 262 -23.24 -21.26 31.63
CA ASP A 262 -23.42 -20.78 30.26
C ASP A 262 -24.64 -21.42 29.57
N ALA A 263 -25.82 -21.16 30.10
CA ALA A 263 -27.05 -21.67 29.49
C ALA A 263 -28.18 -20.67 29.53
N ILE A 264 -27.87 -19.38 29.66
CA ILE A 264 -28.94 -18.38 29.69
C ILE A 264 -28.93 -17.49 28.47
N HIS A 265 -27.78 -16.98 28.07
CA HIS A 265 -27.77 -15.92 27.06
C HIS A 265 -28.14 -16.43 25.66
N ASP A 266 -27.97 -17.72 25.39
CA ASP A 266 -28.35 -18.33 24.09
C ASP A 266 -29.85 -18.64 24.01
N GLN A 267 -30.52 -18.63 25.15
CA GLN A 267 -31.92 -19.02 25.24
C GLN A 267 -32.84 -18.26 24.29
N ALA A 268 -33.87 -18.93 23.81
CA ALA A 268 -34.97 -18.28 23.09
C ALA A 268 -35.76 -17.36 24.03
N GLN A 269 -36.00 -17.85 25.25
CA GLN A 269 -36.84 -17.21 26.23
C GLN A 269 -36.10 -17.07 27.59
N PRO A 270 -35.03 -16.26 27.63
CA PRO A 270 -34.23 -16.15 28.87
C PRO A 270 -35.01 -15.70 30.10
N ALA A 271 -35.94 -14.75 29.93
CA ALA A 271 -36.72 -14.25 31.08
C ALA A 271 -37.58 -15.36 31.69
N ARG A 272 -38.18 -16.18 30.84
CA ARG A 272 -39.01 -17.29 31.33
C ARG A 272 -38.15 -18.34 32.00
N VAL A 273 -37.00 -18.65 31.42
CA VAL A 273 -36.10 -19.60 32.04
C VAL A 273 -35.72 -19.10 33.45
N LEU A 274 -35.43 -17.81 33.58
CA LEU A 274 -34.97 -17.26 34.86
C LEU A 274 -36.11 -17.28 35.88
N GLN A 275 -37.30 -16.93 35.45
CA GLN A 275 -38.48 -17.00 36.30
C GLN A 275 -38.72 -18.43 36.74
N ASN A 276 -38.51 -19.40 35.85
CA ASN A 276 -38.72 -20.81 36.20
C ASN A 276 -37.67 -21.32 37.18
N ILE A 277 -36.44 -20.82 37.05
CA ILE A 277 -35.42 -21.11 38.06
C ILE A 277 -35.86 -20.63 39.44
N TYR A 278 -36.32 -19.38 39.51
CA TYR A 278 -36.76 -18.80 40.78
C TYR A 278 -37.86 -19.66 41.42
N ARG A 279 -38.81 -20.09 40.60
CA ARG A 279 -39.96 -20.89 41.05
C ARG A 279 -39.54 -22.29 41.48
N ALA A 280 -38.56 -22.87 40.79
CA ALA A 280 -38.03 -24.20 41.12
C ALA A 280 -37.22 -24.23 42.42
N LEU A 281 -36.63 -23.09 42.78
CA LEU A 281 -35.89 -22.98 44.04
C LEU A 281 -36.81 -22.99 45.26
N ARG A 282 -36.37 -23.67 46.31
CA ARG A 282 -37.04 -23.61 47.59
C ARG A 282 -36.79 -22.22 48.18
N PRO A 283 -37.72 -21.73 49.00
CA PRO A 283 -37.36 -20.60 49.87
C PRO A 283 -36.08 -20.89 50.65
N GLY A 284 -35.16 -19.92 50.68
CA GLY A 284 -33.82 -20.14 51.26
C GLY A 284 -32.81 -20.78 50.30
N GLY A 285 -33.22 -21.07 49.07
CA GLY A 285 -32.33 -21.67 48.08
C GLY A 285 -31.38 -20.67 47.43
N VAL A 286 -30.45 -21.19 46.62
CA VAL A 286 -29.46 -20.39 45.91
C VAL A 286 -29.29 -20.83 44.46
N LEU A 287 -29.17 -19.84 43.57
CA LEU A 287 -28.81 -20.01 42.17
C LEU A 287 -27.37 -19.56 42.00
N LEU A 288 -26.54 -20.41 41.43
CA LEU A 288 -25.24 -20.03 40.90
C LEU A 288 -25.31 -20.05 39.37
N MET A 289 -25.28 -18.87 38.77
CA MET A 289 -25.32 -18.70 37.32
C MET A 289 -23.99 -18.20 36.88
N VAL A 290 -23.32 -18.96 36.00
CA VAL A 290 -22.04 -18.55 35.48
C VAL A 290 -22.28 -18.13 34.04
N ASP A 291 -21.85 -16.92 33.70
CA ASP A 291 -22.04 -16.38 32.34
C ASP A 291 -20.95 -15.36 32.01
N ILE A 292 -20.96 -14.83 30.79
CA ILE A 292 -19.83 -14.08 30.24
C ILE A 292 -19.66 -12.70 30.89
N LYS A 293 -18.44 -12.42 31.33
CA LYS A 293 -18.09 -11.13 31.89
C LYS A 293 -17.95 -10.06 30.79
N ALA A 294 -18.87 -9.10 30.81
CA ALA A 294 -18.85 -7.97 29.89
C ALA A 294 -19.82 -6.90 30.39
N SER A 295 -19.67 -5.68 29.89
CA SER A 295 -20.67 -4.64 30.16
C SER A 295 -21.82 -4.72 29.18
N SER A 296 -23.00 -4.36 29.65
CA SER A 296 -24.16 -4.18 28.80
C SER A 296 -24.08 -2.88 27.99
N GLN A 297 -23.10 -2.04 28.29
CA GLN A 297 -22.87 -0.79 27.58
C GLN A 297 -21.61 -0.91 26.73
N LEU A 298 -21.80 -0.81 25.43
CA LEU A 298 -20.74 -0.97 24.43
C LEU A 298 -19.46 -0.19 24.77
N GLU A 299 -19.62 1.06 25.18
CA GLU A 299 -18.46 1.92 25.42
C GLU A 299 -17.51 1.33 26.48
N ASP A 300 -18.04 0.61 27.47
CA ASP A 300 -17.21 -0.01 28.51
C ASP A 300 -16.36 -1.18 27.98
N ASN A 301 -16.82 -1.84 26.91
CA ASN A 301 -16.12 -3.02 26.36
C ASN A 301 -15.00 -2.69 25.39
N VAL A 302 -14.96 -1.45 24.90
CA VAL A 302 -13.88 -1.00 24.01
C VAL A 302 -12.56 -0.97 24.77
N GLY A 303 -11.56 -1.68 24.24
CA GLY A 303 -10.24 -1.74 24.82
C GLY A 303 -10.05 -2.91 25.77
N VAL A 304 -11.11 -3.67 26.07
CA VAL A 304 -10.96 -4.83 26.93
C VAL A 304 -10.62 -6.01 26.00
N PRO A 305 -9.52 -6.73 26.28
CA PRO A 305 -9.16 -7.91 25.49
C PRO A 305 -10.32 -8.91 25.36
N LEU A 306 -10.46 -9.47 24.15
CA LEU A 306 -11.51 -10.43 23.77
C LEU A 306 -12.90 -9.84 23.49
N SER A 307 -13.08 -8.53 23.63
CA SER A 307 -14.38 -7.93 23.34
C SER A 307 -14.81 -8.17 21.90
N THR A 308 -13.92 -7.93 20.95
CA THR A 308 -14.26 -8.10 19.54
C THR A 308 -14.63 -9.58 19.24
N TYR A 309 -13.85 -10.49 19.80
CA TYR A 309 -14.11 -11.92 19.72
C TYR A 309 -15.49 -12.28 20.29
N LEU A 310 -15.85 -11.68 21.43
CA LEU A 310 -17.15 -11.92 22.02
C LEU A 310 -18.32 -11.40 21.16
N TYR A 311 -18.21 -10.18 20.62
CA TYR A 311 -19.25 -9.67 19.71
C TYR A 311 -19.39 -10.51 18.43
N THR A 312 -18.26 -10.98 17.92
CA THR A 312 -18.24 -11.81 16.70
C THR A 312 -18.88 -13.18 16.97
N THR A 313 -18.45 -13.84 18.04
CA THR A 313 -19.06 -15.10 18.51
C THR A 313 -20.59 -14.93 18.71
N SER A 314 -20.99 -13.79 19.27
CA SER A 314 -22.41 -13.49 19.46
C SER A 314 -23.16 -13.43 18.09
N LEU A 315 -22.66 -12.59 17.20
CA LEU A 315 -23.30 -12.35 15.89
C LEU A 315 -23.48 -13.64 15.13
N MET A 316 -22.45 -14.46 15.17
CA MET A 316 -22.32 -15.62 14.35
C MET A 316 -22.74 -16.92 15.00
N HIS A 317 -23.01 -16.89 16.30
CA HIS A 317 -23.56 -18.04 16.97
C HIS A 317 -24.62 -17.75 18.04
N CSD A 318 -24.22 -17.17 19.18
CA CSD A 318 -25.07 -17.11 20.38
CB CSD A 318 -24.33 -16.57 21.64
SG CSD A 318 -23.31 -17.76 22.28
C CSD A 318 -26.33 -16.31 20.17
O CSD A 318 -27.41 -16.71 20.65
OD1 CSD A 318 -22.09 -17.54 21.59
OD2 CSD A 318 -23.21 -18.10 23.81
N MET A 319 -26.23 -15.17 19.51
CA MET A 319 -27.39 -14.34 19.19
C MET A 319 -28.26 -15.00 18.12
N THR A 320 -27.63 -15.42 17.04
CA THR A 320 -28.37 -15.90 15.86
C THR A 320 -29.16 -17.20 16.14
N VAL A 321 -28.60 -18.09 16.96
CA VAL A 321 -29.28 -19.31 17.40
C VAL A 321 -30.58 -19.01 18.17
N SER A 322 -30.59 -17.94 18.97
CA SER A 322 -31.78 -17.52 19.66
C SER A 322 -32.78 -16.88 18.66
N LEU A 323 -32.26 -16.05 17.76
CA LEU A 323 -33.12 -15.40 16.75
C LEU A 323 -33.74 -16.39 15.74
N ALA A 324 -33.12 -17.55 15.58
CA ALA A 324 -33.66 -18.65 14.76
C ALA A 324 -34.98 -19.21 15.29
N LEU A 325 -35.24 -19.04 16.59
CA LEU A 325 -36.51 -19.46 17.20
C LEU A 325 -37.38 -18.27 17.57
N ASP A 326 -37.23 -17.14 16.86
CA ASP A 326 -37.87 -15.86 17.24
C ASP A 326 -37.63 -15.51 18.71
N GLY A 327 -36.41 -15.74 19.18
CA GLY A 327 -36.06 -15.57 20.56
C GLY A 327 -35.58 -14.18 20.89
N ALA A 328 -35.19 -14.05 22.15
CA ALA A 328 -34.75 -12.77 22.71
C ALA A 328 -33.49 -12.22 22.05
N GLY A 329 -32.59 -13.07 21.59
CA GLY A 329 -31.36 -12.62 20.93
C GLY A 329 -30.47 -11.73 21.77
N LEU A 330 -30.35 -12.06 23.06
CA LEU A 330 -29.54 -11.22 23.98
C LEU A 330 -28.06 -11.23 23.59
N GLY A 331 -27.57 -12.38 23.15
CA GLY A 331 -26.19 -12.49 22.70
C GLY A 331 -25.19 -12.68 23.82
N THR A 332 -23.97 -13.00 23.42
CA THR A 332 -22.88 -13.33 24.33
C THR A 332 -22.52 -12.15 25.24
N VAL A 333 -22.68 -10.93 24.75
CA VAL A 333 -22.25 -9.72 25.45
C VAL A 333 -23.47 -9.08 26.10
N TRP A 334 -24.46 -9.89 26.49
CA TRP A 334 -25.64 -9.33 27.16
C TRP A 334 -25.25 -8.48 28.36
N GLY A 335 -24.22 -8.91 29.08
CA GLY A 335 -23.53 -8.05 30.04
C GLY A 335 -24.10 -8.07 31.44
N ARG A 336 -23.26 -7.65 32.39
CA ARG A 336 -23.56 -7.73 33.82
C ARG A 336 -24.81 -6.98 34.24
N GLN A 337 -24.96 -5.76 33.74
CA GLN A 337 -26.04 -4.87 34.17
C GLN A 337 -27.38 -5.47 33.77
N LEU A 338 -27.48 -5.94 32.54
CA LEU A 338 -28.73 -6.60 32.07
C LEU A 338 -29.00 -7.93 32.79
N ALA A 339 -27.96 -8.75 32.94
CA ALA A 339 -28.07 -10.00 33.68
C ALA A 339 -28.59 -9.75 35.09
N THR A 340 -28.05 -8.71 35.74
CA THR A 340 -28.43 -8.39 37.10
C THR A 340 -29.90 -7.95 37.15
N SER A 341 -30.31 -7.07 36.25
CA SER A 341 -31.70 -6.62 36.27
C SER A 341 -32.70 -7.73 35.86
N MET A 342 -32.30 -8.61 34.93
CA MET A 342 -33.13 -9.78 34.59
C MET A 342 -33.32 -10.76 35.77
N LEU A 343 -32.29 -10.93 36.58
CA LEU A 343 -32.41 -11.70 37.83
C LEU A 343 -33.44 -11.06 38.77
N ALA A 344 -33.40 -9.73 38.91
CA ALA A 344 -34.42 -8.99 39.66
C ALA A 344 -35.84 -9.20 39.10
N ASP A 345 -36.00 -9.07 37.78
CA ASP A 345 -37.31 -9.30 37.14
C ASP A 345 -37.83 -10.72 37.41
N ALA A 346 -36.94 -11.69 37.52
CA ALA A 346 -37.27 -13.09 37.86
C ALA A 346 -37.75 -13.35 39.30
N GLY A 347 -37.56 -12.37 40.18
CA GLY A 347 -37.98 -12.41 41.58
C GLY A 347 -36.85 -12.35 42.61
N PHE A 348 -35.59 -12.34 42.17
CA PHE A 348 -34.47 -12.37 43.12
C PHE A 348 -34.27 -10.93 43.64
N THR A 349 -34.22 -10.79 44.97
CA THR A 349 -33.98 -9.50 45.61
C THR A 349 -32.59 -9.47 46.25
N ASP A 350 -31.81 -10.54 46.09
CA ASP A 350 -30.51 -10.71 46.74
C ASP A 350 -29.58 -11.33 45.71
N VAL A 351 -28.79 -10.48 45.05
CA VAL A 351 -27.91 -10.88 43.96
C VAL A 351 -26.53 -10.31 44.22
N THR A 352 -25.51 -11.16 44.16
CA THR A 352 -24.11 -10.73 44.26
C THR A 352 -23.37 -11.24 43.00
N VAL A 353 -22.38 -10.49 42.55
CA VAL A 353 -21.60 -10.90 41.40
C VAL A 353 -20.21 -11.14 41.95
N ALA A 354 -19.73 -12.37 41.83
CA ALA A 354 -18.36 -12.70 42.20
C ALA A 354 -17.49 -12.83 40.97
N GLU A 355 -16.21 -12.56 41.16
CA GLU A 355 -15.18 -12.75 40.14
C GLU A 355 -14.03 -13.55 40.73
N ILE A 356 -13.28 -14.21 39.87
CA ILE A 356 -12.04 -14.90 40.22
C ILE A 356 -10.95 -14.22 39.38
N GLU A 357 -9.89 -13.75 40.03
CA GLU A 357 -8.81 -12.96 39.39
C GLU A 357 -8.26 -13.62 38.12
N SER A 358 -8.06 -14.93 38.16
CA SER A 358 -7.51 -15.67 37.03
C SER A 358 -8.51 -15.97 35.91
N ASP A 359 -9.80 -15.65 36.10
CA ASP A 359 -10.83 -15.88 35.08
C ASP A 359 -11.35 -14.53 34.59
N VAL A 360 -10.90 -14.12 33.40
CA VAL A 360 -11.33 -12.82 32.84
C VAL A 360 -12.61 -12.97 32.04
N LEU A 361 -13.02 -14.21 31.78
CA LEU A 361 -14.10 -14.51 30.87
C LEU A 361 -15.50 -14.55 31.52
N ASN A 362 -15.58 -14.95 32.79
CA ASN A 362 -16.87 -15.25 33.42
C ASN A 362 -17.16 -14.41 34.65
N ASN A 363 -18.43 -14.09 34.84
CA ASN A 363 -18.97 -13.60 36.10
C ASN A 363 -19.70 -14.73 36.78
N TYR A 364 -19.71 -14.71 38.10
CA TYR A 364 -20.35 -15.73 38.93
C TYR A 364 -21.46 -15.02 39.71
N TYR A 365 -22.70 -15.19 39.23
CA TYR A 365 -23.87 -14.52 39.77
C TYR A 365 -24.47 -15.45 40.83
N ILE A 366 -24.61 -14.94 42.05
CA ILE A 366 -25.09 -15.70 43.17
C ILE A 366 -26.37 -15.00 43.55
N ALA A 367 -27.50 -15.66 43.30
CA ALA A 367 -28.83 -15.11 43.59
C ALA A 367 -29.52 -15.97 44.67
N ARG A 368 -29.87 -15.34 45.81
CA ARG A 368 -30.49 -16.08 46.93
C ARG A 368 -31.97 -15.76 46.99
N LYS A 369 -32.78 -16.79 47.24
CA LYS A 369 -34.23 -16.65 47.38
C LYS A 369 -34.53 -16.53 48.87
N LEU A 370 -35.43 -15.62 49.24
CA LEU A 370 -35.79 -15.40 50.65
C LEU A 370 -36.38 -16.66 51.29
N GLU A 371 -36.20 -16.77 52.60
CA GLU A 371 -36.77 -17.90 53.36
C GLU A 371 -38.28 -17.85 53.60
N HIS A 372 -38.92 -16.70 53.40
CA HIS A 372 -40.38 -16.58 53.67
C HIS A 372 -41.17 -17.69 52.94
N HIS A 373 -42.04 -18.39 53.65
CA HIS A 373 -42.95 -19.36 53.01
C HIS A 373 -44.18 -18.73 52.37
N SER B 11 15.32 -13.08 29.96
CA SER B 11 16.11 -11.82 30.26
C SER B 11 16.17 -11.52 31.77
N SER B 12 17.31 -11.85 32.36
CA SER B 12 17.61 -11.54 33.76
C SER B 12 17.76 -10.05 34.04
N GLY B 13 18.09 -9.25 33.02
CA GLY B 13 18.52 -7.87 33.21
C GLY B 13 20.04 -7.74 33.31
N LEU B 14 20.75 -8.87 33.31
CA LEU B 14 22.22 -8.90 33.48
C LEU B 14 23.01 -8.99 32.17
N VAL B 15 22.33 -9.20 31.04
CA VAL B 15 23.00 -9.44 29.76
C VAL B 15 22.50 -8.48 28.67
N PRO B 16 23.42 -7.83 27.94
CA PRO B 16 22.96 -7.09 26.75
C PRO B 16 22.50 -8.04 25.65
N ARG B 17 21.35 -7.76 25.06
CA ARG B 17 20.80 -8.56 23.98
C ARG B 17 20.46 -7.67 22.81
N GLY B 18 20.57 -8.24 21.61
CA GLY B 18 20.33 -7.55 20.35
C GLY B 18 18.91 -7.09 20.17
N SER B 19 17.98 -7.79 20.83
CA SER B 19 16.55 -7.42 20.79
C SER B 19 15.81 -7.88 22.04
N HIS B 20 14.63 -7.30 22.23
CA HIS B 20 13.70 -7.65 23.31
C HIS B 20 13.38 -9.15 23.31
N MET B 21 13.58 -9.80 24.45
CA MET B 21 13.14 -11.20 24.64
C MET B 21 11.72 -11.18 25.17
N GLU B 22 10.80 -11.70 24.36
CA GLU B 22 9.37 -11.68 24.66
C GLU B 22 9.07 -12.63 25.82
N THR B 23 8.27 -12.16 26.78
CA THR B 23 7.91 -12.95 27.98
C THR B 23 6.68 -13.82 27.74
N THR B 24 6.47 -14.83 28.58
CA THR B 24 5.26 -15.68 28.50
C THR B 24 4.00 -14.80 28.49
N GLU B 25 3.90 -13.90 29.47
CA GLU B 25 2.77 -12.95 29.56
C GLU B 25 2.52 -12.17 28.27
N GLU B 26 3.57 -11.52 27.76
CA GLU B 26 3.48 -10.68 26.54
C GLU B 26 3.00 -11.48 25.30
N PHE B 27 3.43 -12.73 25.21
CA PHE B 27 2.98 -13.60 24.13
C PHE B 27 1.48 -13.86 24.28
N GLY B 28 1.07 -14.19 25.51
CA GLY B 28 -0.35 -14.32 25.87
C GLY B 28 -1.21 -13.19 25.37
N ASN B 29 -0.80 -11.97 25.66
CA ASN B 29 -1.50 -10.79 25.19
C ASN B 29 -1.50 -10.64 23.68
N ARG B 30 -0.34 -10.91 23.07
CA ARG B 30 -0.24 -10.85 21.61
C ARG B 30 -1.20 -11.85 20.97
N PHE B 31 -1.24 -13.07 21.49
CA PHE B 31 -2.08 -14.10 20.90
C PHE B 31 -3.56 -13.80 21.06
N VAL B 32 -3.95 -13.27 22.22
CA VAL B 32 -5.31 -12.83 22.46
C VAL B 32 -5.68 -11.70 21.50
N ALA B 33 -4.79 -10.74 21.31
CA ALA B 33 -5.07 -9.67 20.35
C ALA B 33 -5.23 -10.24 18.91
N ALA B 34 -4.50 -11.31 18.58
CA ALA B 34 -4.66 -11.98 17.26
C ALA B 34 -6.05 -12.60 17.09
N ILE B 35 -6.54 -13.22 18.14
CA ILE B 35 -7.89 -13.77 18.15
C ILE B 35 -8.89 -12.65 17.93
N ASP B 36 -8.74 -11.53 18.65
CA ASP B 36 -9.57 -10.35 18.39
C ASP B 36 -9.43 -9.83 16.96
N SER B 37 -8.21 -9.82 16.43
CA SER B 37 -8.02 -9.37 15.04
C SER B 37 -8.69 -10.29 14.01
N ALA B 38 -8.72 -11.59 14.28
CA ALA B 38 -9.43 -12.56 13.41
C ALA B 38 -10.92 -12.30 13.38
N GLY B 39 -11.49 -12.08 14.56
CA GLY B 39 -12.86 -11.66 14.66
C GLY B 39 -13.13 -10.40 13.88
N LEU B 40 -12.26 -9.40 14.03
CA LEU B 40 -12.44 -8.14 13.33
C LEU B 40 -12.39 -8.32 11.80
N ALA B 41 -11.48 -9.16 11.33
CA ALA B 41 -11.44 -9.45 9.88
C ALA B 41 -12.76 -10.02 9.38
N ILE B 42 -13.36 -10.93 10.16
CA ILE B 42 -14.64 -11.53 9.79
C ILE B 42 -15.74 -10.48 9.75
N LEU B 43 -15.78 -9.61 10.75
CA LEU B 43 -16.74 -8.51 10.75
C LEU B 43 -16.55 -7.59 9.53
N VAL B 44 -15.31 -7.29 9.15
CA VAL B 44 -15.06 -6.44 7.97
C VAL B 44 -15.52 -7.13 6.65
N SER B 45 -15.22 -8.41 6.52
CA SER B 45 -15.77 -9.27 5.44
C SER B 45 -17.29 -9.19 5.36
N VAL B 46 -17.95 -9.31 6.52
CA VAL B 46 -19.40 -9.20 6.60
C VAL B 46 -19.88 -7.81 6.20
N GLY B 47 -19.19 -6.79 6.69
CA GLY B 47 -19.50 -5.41 6.31
C GLY B 47 -19.37 -5.15 4.80
N HIS B 48 -18.40 -5.80 4.16
CA HIS B 48 -18.22 -5.70 2.71
C HIS B 48 -19.38 -6.36 1.98
N GLN B 49 -19.66 -7.61 2.33
CA GLN B 49 -20.66 -8.41 1.63
C GLN B 49 -22.10 -7.95 1.84
N THR B 50 -22.38 -7.33 2.98
CA THR B 50 -23.70 -6.77 3.27
C THR B 50 -23.89 -5.34 2.73
N GLY B 51 -22.81 -4.70 2.30
CA GLY B 51 -22.82 -3.28 1.94
C GLY B 51 -22.88 -2.30 3.10
N LEU B 52 -22.64 -2.79 4.32
CA LEU B 52 -22.70 -1.93 5.53
C LEU B 52 -21.60 -0.89 5.56
N LEU B 53 -20.40 -1.24 5.13
CA LEU B 53 -19.30 -0.27 5.13
C LEU B 53 -19.58 0.84 4.12
N ASP B 54 -20.03 0.45 2.93
CA ASP B 54 -20.47 1.40 1.90
C ASP B 54 -21.56 2.34 2.44
N THR B 55 -22.60 1.78 3.04
CA THR B 55 -23.71 2.57 3.60
C THR B 55 -23.22 3.62 4.60
N MET B 56 -22.44 3.18 5.59
CA MET B 56 -21.90 4.09 6.61
C MET B 56 -21.02 5.20 6.02
N ALA B 57 -20.29 4.90 4.94
CA ALA B 57 -19.39 5.89 4.31
C ALA B 57 -20.12 7.13 3.77
N GLY B 58 -21.39 6.99 3.42
CA GLY B 58 -22.22 8.14 3.04
C GLY B 58 -23.32 8.49 4.05
N LEU B 59 -23.00 8.39 5.34
CA LEU B 59 -23.91 8.79 6.41
C LEU B 59 -23.20 9.66 7.41
N PRO B 60 -23.91 10.62 8.01
CA PRO B 60 -23.36 11.27 9.19
C PRO B 60 -23.51 10.30 10.41
N PRO B 61 -23.05 10.71 11.61
CA PRO B 61 -23.28 9.84 12.77
C PRO B 61 -24.75 9.39 12.88
N ALA B 62 -24.98 8.11 13.15
CA ALA B 62 -26.34 7.59 13.13
C ALA B 62 -26.52 6.45 14.13
N THR B 63 -27.77 6.22 14.52
CA THR B 63 -28.10 5.12 15.42
C THR B 63 -27.97 3.77 14.69
N SER B 64 -27.97 2.70 15.46
CA SER B 64 -28.04 1.36 14.90
C SER B 64 -29.26 1.21 13.96
N MET B 65 -30.40 1.73 14.43
CA MET B 65 -31.66 1.66 13.70
C MET B 65 -31.57 2.43 12.37
N GLU B 66 -31.01 3.63 12.42
CA GLU B 66 -30.82 4.46 11.21
C GLU B 66 -29.88 3.80 10.19
N ILE B 67 -28.79 3.19 10.67
CA ILE B 67 -27.83 2.48 9.80
C ILE B 67 -28.50 1.28 9.16
N ALA B 68 -29.25 0.52 9.96
CA ALA B 68 -30.00 -0.63 9.46
C ALA B 68 -30.99 -0.20 8.37
N GLU B 69 -31.75 0.86 8.66
CA GLU B 69 -32.74 1.40 7.71
C GLU B 69 -32.07 1.79 6.40
N ALA B 70 -31.00 2.57 6.49
CA ALA B 70 -30.27 2.98 5.29
C ALA B 70 -29.69 1.79 4.48
N ALA B 71 -29.22 0.75 5.17
CA ALA B 71 -28.67 -0.44 4.51
C ALA B 71 -29.72 -1.45 4.07
N GLY B 72 -30.96 -1.31 4.53
CA GLY B 72 -32.01 -2.28 4.20
C GLY B 72 -31.79 -3.63 4.84
N LEU B 73 -31.33 -3.63 6.09
CA LEU B 73 -30.96 -4.87 6.80
C LEU B 73 -31.61 -4.95 8.19
N GLU B 74 -31.64 -6.15 8.75
CA GLU B 74 -32.19 -6.41 10.10
C GLU B 74 -31.38 -5.67 11.15
N GLU B 75 -32.05 -4.84 11.97
CA GLU B 75 -31.35 -3.99 12.91
C GLU B 75 -30.57 -4.78 13.98
N ARG B 76 -31.11 -5.92 14.38
CA ARG B 76 -30.50 -6.69 15.46
C ARG B 76 -29.12 -7.24 15.07
N TYR B 77 -29.00 -7.65 13.80
CA TYR B 77 -27.73 -8.07 13.22
C TYR B 77 -26.77 -6.90 13.09
N VAL B 78 -27.25 -5.76 12.60
CA VAL B 78 -26.41 -4.58 12.42
C VAL B 78 -25.86 -4.09 13.76
N ARG B 79 -26.69 -4.15 14.79
CA ARG B 79 -26.32 -3.72 16.14
C ARG B 79 -25.15 -4.55 16.65
N GLU B 80 -25.25 -5.87 16.53
CA GLU B 80 -24.18 -6.74 17.05
C GLU B 80 -22.90 -6.56 16.26
N TRP B 81 -23.03 -6.47 14.93
CA TRP B 81 -21.93 -6.10 14.06
C TRP B 81 -21.25 -4.78 14.47
N LEU B 82 -22.03 -3.74 14.69
CA LEU B 82 -21.51 -2.42 15.09
C LEU B 82 -20.75 -2.50 16.40
N GLY B 83 -21.20 -3.38 17.29
CA GLY B 83 -20.51 -3.61 18.58
C GLY B 83 -19.09 -4.06 18.36
N GLY B 84 -18.92 -5.12 17.58
CA GLY B 84 -17.59 -5.66 17.28
C GLY B 84 -16.72 -4.72 16.44
N MET B 85 -17.33 -4.01 15.49
CA MET B 85 -16.60 -2.99 14.71
C MET B 85 -16.12 -1.83 15.59
N THR B 86 -16.88 -1.53 16.65
CA THR B 86 -16.50 -0.48 17.59
C THR B 86 -15.39 -0.96 18.54
N THR B 87 -15.52 -2.14 19.13
CA THR B 87 -14.45 -2.64 20.01
C THR B 87 -13.17 -2.91 19.24
N GLY B 88 -13.30 -3.23 17.95
CA GLY B 88 -12.14 -3.32 17.08
C GLY B 88 -11.58 -2.00 16.58
N GLN B 89 -12.13 -0.88 17.05
CA GLN B 89 -11.62 0.46 16.72
C GLN B 89 -11.57 0.75 15.21
N ILE B 90 -12.65 0.38 14.53
CA ILE B 90 -12.90 0.80 13.16
C ILE B 90 -14.08 1.77 13.21
N VAL B 91 -15.25 1.31 13.64
CA VAL B 91 -16.39 2.18 13.86
C VAL B 91 -16.20 2.94 15.19
N GLU B 92 -16.68 4.18 15.25
CA GLU B 92 -16.62 5.00 16.45
C GLU B 92 -18.02 5.21 17.00
N TYR B 93 -18.13 5.03 18.32
CA TYR B 93 -19.40 5.06 19.03
C TYR B 93 -19.35 6.23 19.99
N ASP B 94 -20.40 7.04 19.98
CA ASP B 94 -20.52 8.16 20.90
C ASP B 94 -21.60 7.77 21.89
N ALA B 95 -21.19 7.42 23.09
CA ALA B 95 -22.16 6.95 24.10
C ALA B 95 -23.23 8.00 24.46
N GLY B 96 -22.87 9.28 24.40
CA GLY B 96 -23.81 10.40 24.65
C GLY B 96 -25.07 10.38 23.79
N SER B 97 -24.88 10.10 22.51
CA SER B 97 -26.00 10.08 21.54
C SER B 97 -26.36 8.69 21.03
N SER B 98 -25.64 7.65 21.45
CA SER B 98 -25.85 6.30 20.89
C SER B 98 -25.75 6.32 19.35
N THR B 99 -24.78 7.06 18.84
CA THR B 99 -24.54 7.13 17.41
C THR B 99 -23.22 6.50 17.04
N TYR B 100 -23.18 5.94 15.84
CA TYR B 100 -21.98 5.29 15.31
C TYR B 100 -21.53 6.01 14.04
N SER B 101 -20.23 6.09 13.83
CA SER B 101 -19.72 6.64 12.59
C SER B 101 -18.47 5.91 12.14
N LEU B 102 -18.27 5.89 10.82
CA LEU B 102 -17.09 5.31 10.20
C LEU B 102 -16.16 6.45 9.77
N PRO B 103 -15.05 6.66 10.48
CA PRO B 103 -14.17 7.78 10.10
C PRO B 103 -13.74 7.72 8.62
N ALA B 104 -13.70 8.89 7.98
CA ALA B 104 -13.40 8.97 6.53
C ALA B 104 -12.05 8.37 6.19
N HIS B 105 -11.03 8.57 7.02
CA HIS B 105 -9.74 7.92 6.78
C HIS B 105 -9.80 6.38 6.75
N ARG B 106 -10.78 5.78 7.44
CA ARG B 106 -10.99 4.33 7.39
C ARG B 106 -11.94 3.92 6.26
N ALA B 107 -12.99 4.68 6.05
CA ALA B 107 -13.92 4.45 4.93
C ALA B 107 -13.16 4.44 3.60
N GLY B 108 -12.16 5.31 3.50
CA GLY B 108 -11.21 5.34 2.39
C GLY B 108 -10.40 4.10 2.11
N MET B 109 -10.46 3.07 2.96
CA MET B 109 -9.92 1.77 2.56
C MET B 109 -10.75 0.53 2.96
N LEU B 110 -12.07 0.72 3.02
CA LEU B 110 -13.00 -0.34 3.37
C LEU B 110 -14.29 -0.32 2.56
N THR B 111 -14.31 0.43 1.46
CA THR B 111 -15.54 0.64 0.69
C THR B 111 -15.25 0.47 -0.80
N ARG B 112 -16.27 0.08 -1.54
CA ARG B 112 -16.15 -0.12 -3.00
C ARG B 112 -15.63 1.12 -3.74
N ALA B 113 -16.16 2.30 -3.37
CA ALA B 113 -15.66 3.59 -3.88
C ALA B 113 -14.14 3.82 -3.74
N ALA B 114 -13.47 3.11 -2.84
CA ALA B 114 -12.00 3.20 -2.77
C ALA B 114 -11.25 2.40 -3.85
N GLY B 115 -11.97 1.69 -4.74
CA GLY B 115 -11.35 0.94 -5.84
C GLY B 115 -10.29 -0.05 -5.36
N PRO B 116 -9.02 0.10 -5.80
CA PRO B 116 -7.97 -0.86 -5.44
C PRO B 116 -7.42 -0.75 -4.02
N ASP B 117 -7.85 0.27 -3.27
CA ASP B 117 -7.46 0.44 -1.87
C ASP B 117 -8.45 -0.19 -0.87
N ASN B 118 -9.54 -0.78 -1.37
CA ASN B 118 -10.53 -1.45 -0.53
C ASN B 118 -10.00 -2.75 0.10
N LEU B 119 -9.46 -2.63 1.31
CA LEU B 119 -8.94 -3.76 2.07
C LEU B 119 -10.03 -4.69 2.63
N ALA B 120 -11.30 -4.29 2.56
CA ALA B 120 -12.37 -5.17 3.04
C ALA B 120 -12.50 -6.43 2.17
N VAL B 121 -11.99 -6.36 0.94
CA VAL B 121 -12.08 -7.46 0.00
C VAL B 121 -11.25 -8.64 0.49
N ILE B 122 -9.96 -8.41 0.77
CA ILE B 122 -9.08 -9.48 1.30
C ILE B 122 -9.56 -10.08 2.64
N ALA B 123 -10.28 -9.30 3.45
CA ALA B 123 -10.87 -9.80 4.70
C ALA B 123 -11.76 -11.03 4.53
N GLN B 124 -12.35 -11.19 3.35
CA GLN B 124 -13.21 -12.34 3.05
C GLN B 124 -12.47 -13.66 3.04
N PHE B 125 -11.14 -13.61 2.95
CA PHE B 125 -10.33 -14.83 2.97
C PHE B 125 -10.48 -15.65 4.25
N VAL B 126 -10.72 -15.00 5.40
CA VAL B 126 -10.70 -15.71 6.67
C VAL B 126 -11.77 -16.79 6.69
N SER B 127 -12.98 -16.44 6.30
CA SER B 127 -14.08 -17.39 6.29
C SER B 127 -13.90 -18.44 5.23
N LEU B 128 -13.31 -18.03 4.11
CA LEU B 128 -13.10 -18.94 2.99
C LEU B 128 -12.11 -20.06 3.34
N LEU B 129 -11.01 -19.70 4.00
CA LEU B 129 -10.06 -20.71 4.46
C LEU B 129 -10.61 -21.47 5.66
N GLY B 130 -11.38 -20.77 6.51
CA GLY B 130 -12.09 -21.42 7.60
C GLY B 130 -13.01 -22.54 7.14
N GLU B 131 -13.73 -22.33 6.04
CA GLU B 131 -14.58 -23.37 5.43
C GLU B 131 -13.84 -24.66 5.02
N VAL B 132 -12.54 -24.60 4.74
CA VAL B 132 -11.81 -25.81 4.32
C VAL B 132 -10.85 -26.35 5.37
N GLU B 133 -10.78 -25.70 6.53
CA GLU B 133 -9.79 -26.06 7.55
C GLU B 133 -9.76 -27.56 7.86
N GLN B 134 -10.91 -28.18 8.06
CA GLN B 134 -10.96 -29.59 8.43
C GLN B 134 -10.45 -30.45 7.27
N LYS B 135 -10.84 -30.10 6.05
CA LYS B 135 -10.32 -30.81 4.86
C LYS B 135 -8.82 -30.70 4.75
N VAL B 136 -8.29 -29.50 4.97
CA VAL B 136 -6.84 -29.33 4.91
C VAL B 136 -6.16 -30.15 6.03
N ILE B 137 -6.73 -30.17 7.23
CA ILE B 137 -6.10 -30.90 8.33
C ILE B 137 -5.99 -32.40 8.01
N ARG B 138 -7.03 -32.95 7.38
CA ARG B 138 -7.01 -34.34 6.92
C ARG B 138 -5.82 -34.64 6.00
N CYS B 139 -5.47 -33.71 5.11
CA CYS B 139 -4.32 -33.88 4.22
C CYS B 139 -2.96 -33.92 4.94
N PHE B 140 -2.86 -33.29 6.11
CA PHE B 140 -1.64 -33.39 6.93
C PHE B 140 -1.39 -34.85 7.31
N ARG B 141 -2.48 -35.59 7.55
CA ARG B 141 -2.41 -37.00 7.97
C ARG B 141 -2.30 -37.95 6.76
N GLU B 142 -3.12 -37.69 5.74
CA GLU B 142 -3.34 -38.63 4.63
C GLU B 142 -2.72 -38.25 3.29
N GLY B 143 -1.98 -37.14 3.22
CA GLY B 143 -1.43 -36.69 1.94
C GLY B 143 -2.50 -36.26 0.95
N GLY B 144 -2.12 -36.17 -0.31
CA GLY B 144 -3.03 -35.64 -1.32
C GLY B 144 -3.29 -34.16 -1.08
N GLY B 145 -4.49 -33.72 -1.43
CA GLY B 145 -4.84 -32.31 -1.27
C GLY B 145 -6.30 -32.06 -1.45
N VAL B 146 -6.71 -30.81 -1.24
CA VAL B 146 -8.10 -30.42 -1.37
C VAL B 146 -8.33 -29.94 -2.80
N PRO B 147 -9.26 -30.60 -3.53
CA PRO B 147 -9.42 -30.24 -4.92
C PRO B 147 -9.95 -28.82 -5.14
N TYR B 148 -9.53 -28.27 -6.26
CA TYR B 148 -9.95 -26.99 -6.76
C TYR B 148 -11.48 -26.81 -6.73
N SER B 149 -12.26 -27.86 -7.02
CA SER B 149 -13.74 -27.81 -6.96
C SER B 149 -14.35 -27.59 -5.56
N GLU B 150 -13.56 -27.78 -4.51
CA GLU B 150 -14.00 -27.41 -3.18
C GLU B 150 -14.02 -25.89 -2.92
N TYR B 151 -13.54 -25.05 -3.84
CA TYR B 151 -13.39 -23.62 -3.60
C TYR B 151 -14.15 -22.66 -4.55
N PRO B 152 -15.42 -22.93 -4.84
CA PRO B 152 -16.14 -22.04 -5.79
C PRO B 152 -16.18 -20.56 -5.38
N ARG B 153 -16.57 -20.29 -4.14
CA ARG B 153 -16.61 -18.91 -3.66
C ARG B 153 -15.21 -18.26 -3.58
N PHE B 154 -14.21 -19.02 -3.10
CA PHE B 154 -12.83 -18.51 -2.99
C PHE B 154 -12.30 -18.02 -4.34
N HIS B 155 -12.73 -18.65 -5.43
CA HIS B 155 -12.35 -18.21 -6.77
C HIS B 155 -13.01 -16.90 -7.19
N LYS B 156 -14.24 -16.65 -6.75
CA LYS B 156 -14.83 -15.30 -6.91
C LYS B 156 -14.04 -14.21 -6.14
N LEU B 157 -13.59 -14.51 -4.92
CA LEU B 157 -12.72 -13.60 -4.16
C LEU B 157 -11.48 -13.24 -4.99
N MET B 158 -10.79 -14.28 -5.46
CA MET B 158 -9.65 -14.17 -6.36
C MET B 158 -9.90 -13.22 -7.54
N ALA B 159 -11.02 -13.36 -8.24
CA ALA B 159 -11.35 -12.48 -9.34
C ALA B 159 -11.71 -11.04 -8.90
N GLU B 160 -12.34 -10.90 -7.74
CA GLU B 160 -12.63 -9.57 -7.18
C GLU B 160 -11.32 -8.88 -6.89
N MET B 161 -10.39 -9.57 -6.24
CA MET B 161 -9.08 -9.01 -5.92
C MET B 161 -8.20 -8.66 -7.12
N SER B 162 -8.08 -9.59 -8.08
CA SER B 162 -7.35 -9.31 -9.31
C SER B 162 -8.08 -8.20 -10.11
N GLY B 163 -9.41 -8.23 -10.15
CA GLY B 163 -10.20 -7.21 -10.85
C GLY B 163 -9.96 -5.76 -10.43
N MET B 164 -9.75 -5.56 -9.13
CA MET B 164 -9.38 -4.23 -8.60
C MET B 164 -8.08 -3.71 -9.23
N VAL B 165 -7.09 -4.60 -9.34
CA VAL B 165 -5.80 -4.26 -9.93
C VAL B 165 -5.94 -4.10 -11.47
N PHE B 166 -6.71 -4.99 -12.11
CA PHE B 166 -6.95 -4.88 -13.55
C PHE B 166 -7.66 -3.58 -13.93
N ASP B 167 -8.72 -3.23 -13.21
CA ASP B 167 -9.48 -2.03 -13.55
C ASP B 167 -8.66 -0.76 -13.31
N ALA B 168 -7.79 -0.79 -12.31
CA ALA B 168 -6.97 0.36 -11.94
C ALA B 168 -5.70 0.50 -12.79
N ALA B 169 -5.13 -0.61 -13.28
CA ALA B 169 -3.75 -0.58 -13.74
C ALA B 169 -3.39 -1.29 -15.04
N LEU B 170 -4.28 -2.11 -15.60
CA LEU B 170 -3.83 -3.08 -16.63
C LEU B 170 -3.45 -2.37 -17.91
N ILE B 171 -4.38 -1.60 -18.44
CA ILE B 171 -4.16 -0.88 -19.69
C ILE B 171 -3.10 0.24 -19.55
N ASP B 172 -3.24 1.09 -18.54
CA ASP B 172 -2.37 2.28 -18.40
C ASP B 172 -1.04 2.08 -17.66
N VAL B 173 -0.93 1.05 -16.81
CA VAL B 173 0.33 0.83 -16.06
C VAL B 173 1.04 -0.50 -16.39
N VAL B 174 0.30 -1.59 -16.44
CA VAL B 174 0.92 -2.92 -16.60
C VAL B 174 1.47 -3.13 -18.01
N LEU B 175 0.61 -2.95 -19.02
CA LEU B 175 1.03 -3.23 -20.40
C LEU B 175 2.18 -2.33 -20.86
N PRO B 176 2.17 -1.02 -20.48
CA PRO B 176 3.34 -0.16 -20.73
C PRO B 176 4.64 -0.56 -20.07
N LEU B 177 4.63 -1.49 -19.10
CA LEU B 177 5.88 -2.00 -18.56
C LEU B 177 6.76 -2.71 -19.59
N VAL B 178 6.15 -3.27 -20.64
CA VAL B 178 6.87 -3.95 -21.69
C VAL B 178 7.12 -2.95 -22.82
N ASP B 179 8.38 -2.63 -23.06
CA ASP B 179 8.75 -1.57 -23.99
C ASP B 179 8.18 -1.88 -25.36
N GLY B 180 7.30 -1.00 -25.85
CA GLY B 180 6.72 -1.13 -27.18
C GLY B 180 5.48 -1.99 -27.28
N LEU B 181 5.03 -2.56 -26.17
CA LEU B 181 3.86 -3.43 -26.20
C LEU B 181 2.59 -2.64 -26.55
N PRO B 182 2.34 -1.48 -25.90
CA PRO B 182 1.12 -0.78 -26.28
C PRO B 182 1.04 -0.43 -27.77
N ASP B 183 2.15 0.03 -28.33
CA ASP B 183 2.23 0.28 -29.79
C ASP B 183 1.94 -0.98 -30.63
N ARG B 184 2.58 -2.10 -30.25
CA ARG B 184 2.35 -3.39 -30.92
C ARG B 184 0.87 -3.76 -30.85
N LEU B 185 0.27 -3.60 -29.69
CA LEU B 185 -1.15 -3.91 -29.53
C LEU B 185 -2.05 -3.00 -30.36
N ARG B 186 -1.71 -1.70 -30.43
CA ARG B 186 -2.52 -0.76 -31.23
C ARG B 186 -2.45 -1.13 -32.72
N SER B 187 -1.27 -1.54 -33.18
CA SER B 187 -1.08 -1.99 -34.57
C SER B 187 -1.76 -3.30 -34.90
N GLY B 188 -1.75 -4.23 -33.93
CA GLY B 188 -2.41 -5.53 -34.06
C GLY B 188 -1.42 -6.63 -33.75
N ALA B 189 -1.72 -7.43 -32.73
CA ALA B 189 -0.94 -8.64 -32.42
C ALA B 189 -1.86 -9.77 -31.98
N ASP B 190 -1.31 -10.97 -31.94
CA ASP B 190 -2.01 -12.15 -31.38
C ASP B 190 -1.61 -12.38 -29.94
N VAL B 191 -2.59 -12.29 -29.05
CA VAL B 191 -2.35 -12.27 -27.62
C VAL B 191 -3.13 -13.39 -26.91
N ALA B 192 -2.47 -14.13 -26.03
CA ALA B 192 -3.17 -15.10 -25.17
C ALA B 192 -2.98 -14.80 -23.68
N ASP B 193 -4.05 -15.00 -22.94
CA ASP B 193 -4.03 -14.92 -21.49
C ASP B 193 -4.25 -16.36 -20.99
N PHE B 194 -3.19 -16.94 -20.43
CA PHE B 194 -3.20 -18.35 -19.96
C PHE B 194 -3.67 -18.38 -18.51
N GLY B 195 -4.65 -19.24 -18.21
CA GLY B 195 -5.25 -19.28 -16.87
C GLY B 195 -6.06 -18.02 -16.64
N CYS B 196 -6.97 -17.72 -17.57
CA CYS B 196 -7.63 -16.42 -17.63
C CYS B 196 -8.73 -16.15 -16.59
N GLY B 197 -9.47 -17.20 -16.23
CA GLY B 197 -10.59 -17.08 -15.30
C GLY B 197 -11.80 -16.50 -16.00
N SER B 198 -12.52 -15.60 -15.33
CA SER B 198 -13.73 -14.97 -15.89
C SER B 198 -13.46 -14.15 -17.17
N GLY B 199 -12.21 -13.73 -17.36
CA GLY B 199 -11.81 -13.05 -18.60
C GLY B 199 -11.88 -11.55 -18.49
N ARG B 200 -11.64 -11.03 -17.28
CA ARG B 200 -11.64 -9.59 -17.01
C ARG B 200 -10.53 -8.92 -17.81
N ALA B 201 -9.31 -9.42 -17.63
CA ALA B 201 -8.14 -8.86 -18.31
C ALA B 201 -8.27 -8.93 -19.84
N VAL B 202 -8.79 -10.04 -20.36
CA VAL B 202 -8.99 -10.19 -21.80
C VAL B 202 -10.01 -9.17 -22.31
N LYS B 203 -11.13 -9.00 -21.59
CA LYS B 203 -12.14 -7.98 -21.92
C LYS B 203 -11.55 -6.57 -22.00
N LEU B 204 -10.78 -6.19 -20.99
CA LEU B 204 -10.20 -4.85 -20.94
C LEU B 204 -9.24 -4.63 -22.13
N MET B 205 -8.42 -5.63 -22.43
CA MET B 205 -7.45 -5.53 -23.53
C MET B 205 -8.14 -5.46 -24.89
N ALA B 206 -9.11 -6.35 -25.13
CA ALA B 206 -9.82 -6.40 -26.40
C ALA B 206 -10.63 -5.11 -26.68
N GLN B 207 -11.20 -4.53 -25.63
CA GLN B 207 -11.84 -3.21 -25.72
C GLN B 207 -10.84 -2.09 -26.04
N ALA B 208 -9.68 -2.13 -25.40
CA ALA B 208 -8.66 -1.10 -25.60
C ALA B 208 -7.96 -1.21 -26.97
N PHE B 209 -7.82 -2.44 -27.48
CA PHE B 209 -7.02 -2.69 -28.68
C PHE B 209 -7.80 -3.47 -29.72
N GLY B 210 -8.71 -2.77 -30.38
CA GLY B 210 -9.55 -3.33 -31.45
C GLY B 210 -8.81 -4.07 -32.55
N ALA B 211 -7.58 -3.65 -32.87
CA ALA B 211 -6.81 -4.30 -33.94
C ALA B 211 -6.17 -5.63 -33.50
N SER B 212 -6.10 -5.90 -32.20
CA SER B 212 -5.42 -7.11 -31.71
C SER B 212 -6.43 -8.25 -31.49
N ARG B 213 -5.93 -9.48 -31.50
CA ARG B 213 -6.76 -10.68 -31.21
C ARG B 213 -6.33 -11.26 -29.88
N PHE B 214 -7.32 -11.56 -29.03
CA PHE B 214 -7.08 -12.01 -27.67
C PHE B 214 -7.78 -13.34 -27.42
N THR B 215 -7.04 -14.30 -26.88
CA THR B 215 -7.60 -15.59 -26.52
C THR B 215 -7.37 -15.85 -25.04
N GLY B 216 -8.46 -16.01 -24.30
CA GLY B 216 -8.38 -16.54 -22.93
C GLY B 216 -8.44 -18.06 -22.92
N ILE B 217 -7.52 -18.69 -22.18
CA ILE B 217 -7.47 -20.13 -22.00
C ILE B 217 -7.53 -20.48 -20.53
N ASP B 218 -8.46 -21.38 -20.17
CA ASP B 218 -8.66 -21.82 -18.79
C ASP B 218 -9.27 -23.23 -18.78
N PHE B 219 -9.05 -24.00 -17.72
CA PHE B 219 -9.61 -25.38 -17.63
C PHE B 219 -11.00 -25.50 -16.97
N SER B 220 -11.85 -24.49 -17.18
CA SER B 220 -13.23 -24.43 -16.64
C SER B 220 -14.18 -24.02 -17.76
N ASP B 221 -15.15 -24.87 -18.09
CA ASP B 221 -16.04 -24.64 -19.24
C ASP B 221 -17.01 -23.45 -19.07
N GLU B 222 -17.29 -23.08 -17.82
CA GLU B 222 -18.24 -21.98 -17.56
C GLU B 222 -17.55 -20.62 -17.44
N ALA B 223 -16.28 -20.59 -17.02
CA ALA B 223 -15.40 -19.43 -17.24
C ALA B 223 -15.31 -19.13 -18.76
N VAL B 224 -15.01 -20.17 -19.53
CA VAL B 224 -14.88 -20.05 -20.99
C VAL B 224 -16.18 -19.54 -21.64
N ALA B 225 -17.31 -20.15 -21.27
CA ALA B 225 -18.62 -19.70 -21.76
C ALA B 225 -19.09 -18.37 -21.14
N ALA B 226 -18.57 -18.02 -19.95
CA ALA B 226 -18.80 -16.68 -19.38
C ALA B 226 -18.13 -15.63 -20.26
N GLY B 227 -16.81 -15.76 -20.41
CA GLY B 227 -16.02 -14.94 -21.31
C GLY B 227 -16.61 -14.87 -22.72
N THR B 228 -17.02 -16.02 -23.26
CA THR B 228 -17.56 -16.08 -24.63
C THR B 228 -18.89 -15.32 -24.76
N GLU B 229 -19.74 -15.41 -23.74
CA GLU B 229 -21.04 -14.71 -23.74
C GLU B 229 -20.81 -13.22 -23.63
N GLU B 230 -20.06 -12.82 -22.59
CA GLU B 230 -19.69 -11.41 -22.35
C GLU B 230 -19.06 -10.73 -23.57
N ALA B 231 -18.38 -11.50 -24.42
CA ALA B 231 -17.78 -10.99 -25.67
C ALA B 231 -18.84 -10.66 -26.72
N ALA B 232 -19.74 -11.61 -26.98
CA ALA B 232 -20.85 -11.39 -27.92
C ALA B 232 -21.81 -10.30 -27.42
N ARG B 233 -22.03 -10.26 -26.10
CA ARG B 233 -22.87 -9.24 -25.45
C ARG B 233 -22.26 -7.84 -25.57
N LEU B 234 -20.94 -7.73 -25.39
CA LEU B 234 -20.21 -6.47 -25.62
C LEU B 234 -19.81 -6.23 -27.08
N GLY B 235 -20.05 -7.20 -27.96
CA GLY B 235 -19.70 -7.08 -29.38
C GLY B 235 -18.21 -7.20 -29.68
N LEU B 236 -17.43 -7.69 -28.73
CA LEU B 236 -15.99 -7.86 -28.90
C LEU B 236 -15.74 -9.12 -29.71
N ALA B 237 -15.71 -8.97 -31.03
CA ALA B 237 -15.37 -10.07 -31.94
C ALA B 237 -13.91 -10.49 -31.80
N ASN B 238 -13.05 -9.55 -31.42
CA ASN B 238 -11.61 -9.80 -31.23
C ASN B 238 -11.24 -10.50 -29.89
N ALA B 239 -12.22 -10.93 -29.11
CA ALA B 239 -11.98 -11.71 -27.89
C ALA B 239 -12.60 -13.12 -28.01
N THR B 240 -11.79 -14.15 -27.73
CA THR B 240 -12.29 -15.53 -27.70
C THR B 240 -11.73 -16.27 -26.51
N PHE B 241 -12.41 -17.37 -26.16
CA PHE B 241 -12.01 -18.18 -25.02
C PHE B 241 -12.03 -19.67 -25.39
N GLU B 242 -11.09 -20.42 -24.82
CA GLU B 242 -10.89 -21.83 -25.13
C GLU B 242 -10.61 -22.59 -23.85
N ARG B 243 -11.26 -23.75 -23.68
CA ARG B 243 -10.98 -24.61 -22.53
C ARG B 243 -9.83 -25.55 -22.90
N HIS B 244 -8.74 -25.48 -22.13
CA HIS B 244 -7.62 -26.41 -22.22
C HIS B 244 -7.01 -26.53 -20.85
N ASP B 245 -6.29 -27.62 -20.60
CA ASP B 245 -5.39 -27.71 -19.44
C ASP B 245 -4.05 -27.18 -19.92
N LEU B 246 -3.52 -26.19 -19.19
CA LEU B 246 -2.26 -25.53 -19.55
C LEU B 246 -1.06 -26.47 -19.64
N ALA B 247 -1.12 -27.62 -18.94
CA ALA B 247 -0.04 -28.57 -18.97
C ALA B 247 0.01 -29.41 -20.26
N GLU B 248 -1.05 -29.40 -21.04
CA GLU B 248 -1.09 -30.19 -22.28
C GLU B 248 -1.70 -29.33 -23.40
N LEU B 249 -0.83 -28.67 -24.16
CA LEU B 249 -1.23 -27.74 -25.24
C LEU B 249 -0.52 -28.14 -26.52
N ASP B 250 -1.17 -27.89 -27.66
CA ASP B 250 -0.57 -28.05 -28.98
C ASP B 250 -0.22 -26.72 -29.67
N LYS B 251 -0.18 -25.62 -28.91
CA LYS B 251 0.05 -24.28 -29.47
C LYS B 251 1.52 -24.14 -29.79
N VAL B 252 1.83 -23.84 -31.05
CA VAL B 252 3.22 -23.67 -31.48
C VAL B 252 3.30 -22.37 -32.27
N GLY B 253 4.11 -21.42 -31.79
CA GLY B 253 4.26 -20.11 -32.45
C GLY B 253 2.92 -19.50 -32.81
N ALA B 254 1.97 -19.52 -31.86
CA ALA B 254 0.62 -19.02 -32.07
C ALA B 254 0.42 -17.56 -31.66
N TYR B 255 1.24 -17.07 -30.74
CA TYR B 255 0.98 -15.79 -30.07
C TYR B 255 2.25 -14.93 -30.03
N ASP B 256 2.06 -13.64 -30.25
CA ASP B 256 3.12 -12.63 -30.08
C ASP B 256 3.36 -12.29 -28.62
N VAL B 257 2.28 -12.36 -27.84
CA VAL B 257 2.25 -11.97 -26.44
C VAL B 257 1.43 -12.99 -25.66
N ILE B 258 1.99 -13.51 -24.58
CA ILE B 258 1.27 -14.32 -23.61
C ILE B 258 1.33 -13.65 -22.24
N THR B 259 0.18 -13.52 -21.60
CA THR B 259 0.10 -13.05 -20.22
C THR B 259 -0.34 -14.18 -19.29
N VAL B 260 0.20 -14.21 -18.08
CA VAL B 260 -0.26 -15.16 -17.06
C VAL B 260 -0.28 -14.49 -15.68
N PHE B 261 -1.50 -14.19 -15.24
CA PHE B 261 -1.76 -13.49 -13.97
C PHE B 261 -2.14 -14.43 -12.82
N ASP B 262 -1.19 -14.64 -11.92
CA ASP B 262 -1.34 -15.45 -10.71
C ASP B 262 -1.93 -16.86 -10.98
N ALA B 263 -1.36 -17.57 -11.96
CA ALA B 263 -1.75 -18.95 -12.28
C ALA B 263 -0.61 -19.95 -12.23
N ILE B 264 0.63 -19.52 -12.36
CA ILE B 264 1.73 -20.49 -12.45
C ILE B 264 1.97 -21.25 -11.15
N HIS B 265 2.04 -20.53 -10.03
CA HIS B 265 2.40 -21.18 -8.76
C HIS B 265 1.40 -22.24 -8.28
N ASP B 266 0.11 -22.16 -8.64
CA ASP B 266 -0.82 -23.24 -8.27
C ASP B 266 -1.01 -24.36 -9.32
N GLN B 267 -0.17 -24.39 -10.35
CA GLN B 267 -0.21 -25.50 -11.33
C GLN B 267 0.20 -26.83 -10.72
N ALA B 268 -0.39 -27.92 -11.24
CA ALA B 268 0.16 -29.28 -11.00
C ALA B 268 1.56 -29.42 -11.58
N GLN B 269 1.76 -28.90 -12.79
CA GLN B 269 3.02 -29.10 -13.53
C GLN B 269 3.55 -27.74 -14.05
N PRO B 270 3.98 -26.87 -13.13
CA PRO B 270 4.34 -25.50 -13.56
C PRO B 270 5.51 -25.43 -14.55
N ALA B 271 6.52 -26.28 -14.38
CA ALA B 271 7.64 -26.33 -15.31
C ALA B 271 7.17 -26.73 -16.70
N ARG B 272 6.24 -27.70 -16.77
CA ARG B 272 5.65 -28.09 -18.05
C ARG B 272 4.84 -26.94 -18.65
N VAL B 273 4.07 -26.24 -17.82
CA VAL B 273 3.26 -25.10 -18.32
C VAL B 273 4.15 -23.98 -18.92
N LEU B 274 5.24 -23.67 -18.21
CA LEU B 274 6.20 -22.68 -18.71
C LEU B 274 6.88 -23.13 -20.01
N GLN B 275 7.19 -24.44 -20.12
CA GLN B 275 7.68 -25.01 -21.39
C GLN B 275 6.67 -24.79 -22.50
N ASN B 276 5.41 -25.08 -22.21
CA ASN B 276 4.33 -24.87 -23.19
C ASN B 276 4.15 -23.42 -23.63
N ILE B 277 4.33 -22.49 -22.69
CA ILE B 277 4.28 -21.07 -22.99
C ILE B 277 5.42 -20.73 -23.94
N TYR B 278 6.64 -21.15 -23.63
CA TYR B 278 7.76 -20.93 -24.52
C TYR B 278 7.49 -21.41 -25.96
N ARG B 279 6.98 -22.64 -26.06
CA ARG B 279 6.67 -23.22 -27.36
C ARG B 279 5.56 -22.47 -28.07
N ALA B 280 4.54 -22.05 -27.34
CA ALA B 280 3.43 -21.30 -27.92
C ALA B 280 3.76 -19.90 -28.44
N LEU B 281 4.83 -19.30 -27.92
CA LEU B 281 5.27 -17.96 -28.34
C LEU B 281 6.02 -18.03 -29.66
N ARG B 282 5.81 -17.04 -30.50
CA ARG B 282 6.64 -16.85 -31.69
C ARG B 282 8.01 -16.36 -31.28
N PRO B 283 9.06 -16.64 -32.09
CA PRO B 283 10.38 -16.05 -31.85
C PRO B 283 10.26 -14.53 -31.75
N GLY B 284 10.95 -13.91 -30.81
CA GLY B 284 10.79 -12.46 -30.55
C GLY B 284 9.53 -12.10 -29.75
N GLY B 285 8.74 -13.08 -29.32
CA GLY B 285 7.56 -12.81 -28.52
C GLY B 285 7.88 -12.58 -27.06
N VAL B 286 6.84 -12.27 -26.29
CA VAL B 286 7.02 -11.88 -24.88
C VAL B 286 5.97 -12.53 -23.98
N LEU B 287 6.47 -13.07 -22.87
CA LEU B 287 5.65 -13.53 -21.74
C LEU B 287 5.63 -12.45 -20.66
N LEU B 288 4.44 -12.01 -20.27
CA LEU B 288 4.26 -11.25 -19.02
C LEU B 288 3.64 -12.16 -17.97
N MET B 289 4.47 -12.67 -17.07
CA MET B 289 4.02 -13.51 -15.95
C MET B 289 3.97 -12.63 -14.68
N VAL B 290 2.77 -12.49 -14.15
CA VAL B 290 2.54 -11.75 -12.91
C VAL B 290 2.29 -12.78 -11.82
N ASP B 291 3.15 -12.80 -10.81
CA ASP B 291 3.01 -13.74 -9.70
C ASP B 291 3.55 -13.14 -8.41
N ILE B 292 3.30 -13.84 -7.31
CA ILE B 292 3.39 -13.28 -5.96
C ILE B 292 4.81 -12.81 -5.61
N LYS B 293 4.88 -11.58 -5.12
CA LYS B 293 6.11 -10.97 -4.63
C LYS B 293 6.42 -11.51 -3.25
N ALA B 294 7.52 -12.25 -3.18
CA ALA B 294 8.05 -12.81 -1.95
C ALA B 294 9.40 -13.38 -2.33
N SER B 295 10.21 -13.69 -1.33
CA SER B 295 11.49 -14.39 -1.55
C SER B 295 11.24 -15.87 -1.43
N SER B 296 12.03 -16.65 -2.17
CA SER B 296 12.06 -18.11 -2.03
C SER B 296 12.75 -18.56 -0.73
N GLN B 297 13.43 -17.65 -0.04
CA GLN B 297 14.06 -17.93 1.25
C GLN B 297 13.16 -17.44 2.41
N LEU B 298 12.72 -18.37 3.25
CA LEU B 298 11.78 -18.04 4.34
C LEU B 298 12.24 -16.84 5.20
N GLU B 299 13.51 -16.85 5.61
CA GLU B 299 14.07 -15.77 6.44
C GLU B 299 13.82 -14.36 5.88
N ASP B 300 13.82 -14.21 4.56
CA ASP B 300 13.58 -12.90 3.95
C ASP B 300 12.14 -12.41 4.08
N ASN B 301 11.20 -13.32 4.31
CA ASN B 301 9.78 -12.97 4.36
C ASN B 301 9.26 -12.59 5.75
N VAL B 302 9.98 -13.02 6.78
CA VAL B 302 9.67 -12.68 8.18
C VAL B 302 9.69 -11.16 8.33
N GLY B 303 8.61 -10.60 8.87
CA GLY B 303 8.52 -9.17 9.05
C GLY B 303 7.92 -8.37 7.91
N VAL B 304 7.70 -8.99 6.74
CA VAL B 304 7.09 -8.28 5.63
C VAL B 304 5.58 -8.39 5.78
N PRO B 305 4.85 -7.27 5.67
CA PRO B 305 3.40 -7.33 5.76
C PRO B 305 2.82 -8.30 4.74
N LEU B 306 1.79 -9.04 5.16
CA LEU B 306 1.05 -10.03 4.36
C LEU B 306 1.75 -11.37 4.14
N SER B 307 2.96 -11.53 4.66
CA SER B 307 3.63 -12.82 4.58
C SER B 307 2.88 -13.98 5.20
N THR B 308 2.34 -13.79 6.40
CA THR B 308 1.62 -14.86 7.07
C THR B 308 0.35 -15.22 6.33
N TYR B 309 -0.32 -14.18 5.82
CA TYR B 309 -1.46 -14.34 4.94
C TYR B 309 -1.08 -15.17 3.67
N LEU B 310 0.04 -14.86 3.04
CA LEU B 310 0.52 -15.64 1.89
C LEU B 310 0.81 -17.11 2.23
N TYR B 311 1.54 -17.38 3.31
CA TYR B 311 1.80 -18.78 3.70
C TYR B 311 0.50 -19.51 4.07
N THR B 312 -0.44 -18.79 4.69
CA THR B 312 -1.71 -19.39 5.10
C THR B 312 -2.57 -19.74 3.88
N THR B 313 -2.69 -18.81 2.93
CA THR B 313 -3.48 -19.07 1.70
C THR B 313 -2.82 -20.18 0.86
N SER B 314 -1.50 -20.25 0.91
CA SER B 314 -0.77 -21.32 0.27
C SER B 314 -1.13 -22.66 0.88
N LEU B 315 -0.92 -22.78 2.18
CA LEU B 315 -1.21 -24.00 2.88
C LEU B 315 -2.61 -24.50 2.62
N MET B 316 -3.56 -23.58 2.62
CA MET B 316 -4.96 -23.92 2.63
C MET B 316 -5.66 -23.78 1.29
N HIS B 317 -4.92 -23.32 0.28
CA HIS B 317 -5.44 -23.30 -1.07
C HIS B 317 -4.38 -23.57 -2.14
N CSD B 318 -3.50 -22.59 -2.40
CA CSD B 318 -2.65 -22.64 -3.61
CB CSD B 318 -1.87 -21.32 -3.82
SG CSD B 318 -2.88 -20.05 -4.28
C CSD B 318 -1.77 -23.88 -3.65
O CSD B 318 -1.63 -24.48 -4.73
OD1 CSD B 318 -3.38 -19.35 -3.12
OD2 CSD B 318 -2.42 -19.20 -5.49
N MET B 319 -1.20 -24.29 -2.52
CA MET B 319 -0.39 -25.50 -2.45
C MET B 319 -1.23 -26.77 -2.53
N THR B 320 -2.32 -26.81 -1.79
CA THR B 320 -3.10 -28.03 -1.64
C THR B 320 -3.84 -28.45 -2.92
N VAL B 321 -4.32 -27.47 -3.70
CA VAL B 321 -4.98 -27.78 -4.98
C VAL B 321 -4.01 -28.42 -6.00
N SER B 322 -2.74 -28.01 -5.98
CA SER B 322 -1.72 -28.62 -6.81
C SER B 322 -1.40 -30.02 -6.28
N LEU B 323 -1.22 -30.16 -4.97
CA LEU B 323 -0.98 -31.51 -4.38
C LEU B 323 -2.15 -32.49 -4.57
N ALA B 324 -3.37 -31.97 -4.66
CA ALA B 324 -4.54 -32.82 -4.97
C ALA B 324 -4.40 -33.58 -6.31
N LEU B 325 -3.73 -32.95 -7.27
CA LEU B 325 -3.47 -33.51 -8.59
C LEU B 325 -2.12 -34.22 -8.68
N ASP B 326 -1.53 -34.59 -7.54
CA ASP B 326 -0.19 -35.14 -7.48
C ASP B 326 0.81 -34.19 -8.17
N GLY B 327 0.65 -32.90 -7.86
CA GLY B 327 1.38 -31.83 -8.52
C GLY B 327 2.59 -31.39 -7.75
N ALA B 328 3.24 -30.35 -8.25
CA ALA B 328 4.48 -29.84 -7.67
C ALA B 328 4.30 -29.19 -6.28
N GLY B 329 3.13 -28.60 -6.01
CA GLY B 329 2.88 -27.92 -4.75
C GLY B 329 3.91 -26.85 -4.38
N LEU B 330 4.25 -26.01 -5.35
CA LEU B 330 5.21 -24.91 -5.10
C LEU B 330 4.64 -23.89 -4.13
N GLY B 331 3.33 -23.67 -4.17
CA GLY B 331 2.66 -22.77 -3.27
C GLY B 331 2.80 -21.30 -3.61
N THR B 332 2.03 -20.50 -2.89
CA THR B 332 1.98 -19.06 -3.09
C THR B 332 3.32 -18.36 -2.94
N VAL B 333 4.17 -18.89 -2.07
CA VAL B 333 5.42 -18.21 -1.70
C VAL B 333 6.60 -18.85 -2.42
N TRP B 334 6.34 -19.43 -3.60
CA TRP B 334 7.42 -20.02 -4.41
C TRP B 334 8.58 -19.05 -4.60
N GLY B 335 8.27 -17.78 -4.80
CA GLY B 335 9.25 -16.71 -4.64
C GLY B 335 10.00 -16.32 -5.92
N ARG B 336 10.63 -15.15 -5.85
CA ARG B 336 11.28 -14.52 -6.99
C ARG B 336 12.42 -15.32 -7.54
N GLN B 337 13.24 -15.89 -6.67
CA GLN B 337 14.43 -16.63 -7.09
C GLN B 337 14.03 -17.88 -7.88
N LEU B 338 13.09 -18.65 -7.36
CA LEU B 338 12.63 -19.86 -8.06
C LEU B 338 11.88 -19.51 -9.34
N ALA B 339 10.99 -18.52 -9.27
CA ALA B 339 10.33 -18.05 -10.49
C ALA B 339 11.31 -17.69 -11.63
N THR B 340 12.40 -16.99 -11.28
CA THR B 340 13.36 -16.58 -12.29
C THR B 340 14.15 -17.78 -12.82
N SER B 341 14.56 -18.70 -11.94
CA SER B 341 15.29 -19.87 -12.40
C SER B 341 14.38 -20.78 -13.25
N MET B 342 13.09 -20.87 -12.92
CA MET B 342 12.17 -21.71 -13.69
C MET B 342 11.88 -21.07 -15.06
N LEU B 343 11.81 -19.75 -15.13
CA LEU B 343 11.79 -19.06 -16.43
C LEU B 343 13.05 -19.39 -17.26
N ALA B 344 14.22 -19.39 -16.62
CA ALA B 344 15.47 -19.80 -17.27
C ALA B 344 15.38 -21.22 -17.81
N ASP B 345 14.97 -22.17 -16.95
CA ASP B 345 14.84 -23.59 -17.34
C ASP B 345 13.94 -23.82 -18.56
N ALA B 346 12.91 -23.00 -18.68
CA ALA B 346 11.95 -23.09 -19.76
C ALA B 346 12.45 -22.47 -21.06
N GLY B 347 13.60 -21.77 -21.03
CA GLY B 347 14.24 -21.25 -22.25
C GLY B 347 14.23 -19.74 -22.36
N PHE B 348 13.62 -19.05 -21.39
CA PHE B 348 13.61 -17.59 -21.40
C PHE B 348 14.98 -17.13 -20.93
N THR B 349 15.81 -16.62 -21.86
CA THR B 349 17.16 -16.13 -21.53
C THR B 349 17.19 -14.64 -21.16
N ASP B 350 16.09 -13.93 -21.41
CA ASP B 350 16.01 -12.51 -21.09
C ASP B 350 14.76 -12.28 -20.26
N VAL B 351 14.99 -11.91 -18.98
CA VAL B 351 13.96 -11.79 -17.95
C VAL B 351 14.26 -10.58 -17.08
N THR B 352 13.27 -9.72 -16.89
CA THR B 352 13.38 -8.61 -15.96
C THR B 352 12.15 -8.68 -15.03
N VAL B 353 12.34 -8.25 -13.78
CA VAL B 353 11.27 -8.22 -12.78
C VAL B 353 10.91 -6.76 -12.52
N ALA B 354 9.69 -6.38 -12.84
CA ALA B 354 9.18 -5.06 -12.59
C ALA B 354 8.18 -5.10 -11.42
N GLU B 355 7.86 -3.93 -10.88
CA GLU B 355 6.91 -3.76 -9.78
C GLU B 355 6.10 -2.53 -10.05
N ILE B 356 4.85 -2.51 -9.59
CA ILE B 356 3.99 -1.34 -9.75
C ILE B 356 3.39 -0.92 -8.40
N GLU B 357 3.10 0.36 -8.25
CA GLU B 357 2.55 0.91 -6.99
C GLU B 357 1.15 0.40 -6.69
N SER B 358 0.34 0.26 -7.73
CA SER B 358 -1.04 -0.22 -7.60
C SER B 358 -1.21 -1.72 -7.21
N ASP B 359 -0.11 -2.47 -7.09
CA ASP B 359 -0.16 -3.90 -6.74
C ASP B 359 1.08 -4.34 -5.94
N VAL B 360 1.02 -4.17 -4.62
CA VAL B 360 2.09 -4.56 -3.68
C VAL B 360 2.35 -6.08 -3.62
N LEU B 361 1.34 -6.88 -3.95
CA LEU B 361 1.41 -8.35 -3.83
C LEU B 361 2.16 -9.06 -4.96
N ASN B 362 2.35 -8.43 -6.12
CA ASN B 362 2.91 -9.14 -7.27
C ASN B 362 4.14 -8.53 -7.88
N ASN B 363 5.03 -9.41 -8.30
CA ASN B 363 6.09 -9.12 -9.25
C ASN B 363 5.55 -9.30 -10.67
N TYR B 364 6.05 -8.46 -11.57
CA TYR B 364 5.72 -8.46 -12.98
C TYR B 364 6.95 -8.95 -13.77
N TYR B 365 6.97 -10.24 -14.11
CA TYR B 365 8.11 -10.86 -14.76
C TYR B 365 7.93 -10.72 -16.27
N ILE B 366 8.93 -10.17 -16.94
CA ILE B 366 8.87 -9.89 -18.38
C ILE B 366 9.93 -10.78 -18.98
N ALA B 367 9.50 -11.75 -19.77
CA ALA B 367 10.38 -12.80 -20.27
C ALA B 367 10.28 -12.87 -21.78
N ARG B 368 11.42 -12.72 -22.45
CA ARG B 368 11.45 -12.63 -23.89
C ARG B 368 11.97 -13.93 -24.50
N LYS B 369 11.38 -14.30 -25.62
CA LYS B 369 11.87 -15.43 -26.41
C LYS B 369 12.73 -14.87 -27.54
N LEU B 370 13.97 -15.35 -27.63
CA LEU B 370 14.96 -14.94 -28.66
C LEU B 370 14.36 -14.94 -30.06
N GLU B 371 14.76 -13.96 -30.90
CA GLU B 371 14.30 -13.92 -32.28
C GLU B 371 15.17 -14.86 -33.11
N MET C 21 11.70 0.15 -9.48
CA MET C 21 10.64 1.13 -9.07
C MET C 21 11.05 1.90 -7.80
N GLU C 22 10.96 3.22 -7.87
CA GLU C 22 11.37 4.08 -6.77
C GLU C 22 10.46 3.92 -5.56
N THR C 23 11.05 3.63 -4.40
CA THR C 23 10.28 3.55 -3.16
C THR C 23 10.15 4.90 -2.48
N THR C 24 9.24 4.95 -1.51
CA THR C 24 9.04 6.09 -0.65
C THR C 24 10.36 6.52 0.02
N GLU C 25 11.11 5.54 0.52
CA GLU C 25 12.37 5.79 1.19
C GLU C 25 13.40 6.37 0.22
N GLU C 26 13.45 5.82 -0.98
CA GLU C 26 14.37 6.27 -2.00
C GLU C 26 13.99 7.67 -2.44
N PHE C 27 12.70 7.96 -2.57
CA PHE C 27 12.27 9.30 -2.98
C PHE C 27 12.61 10.34 -1.92
N GLY C 28 12.32 10.02 -0.66
CA GLY C 28 12.70 10.86 0.48
C GLY C 28 14.18 11.20 0.47
N ASN C 29 15.02 10.18 0.33
CA ASN C 29 16.45 10.40 0.24
C ASN C 29 16.86 11.28 -0.94
N ARG C 30 16.27 11.02 -2.11
CA ARG C 30 16.56 11.82 -3.29
C ARG C 30 16.18 13.30 -3.08
N PHE C 31 15.03 13.53 -2.50
CA PHE C 31 14.57 14.90 -2.32
C PHE C 31 15.34 15.64 -1.23
N VAL C 32 15.67 14.96 -0.14
CA VAL C 32 16.55 15.52 0.87
C VAL C 32 17.90 15.92 0.22
N ALA C 33 18.44 15.06 -0.63
CA ALA C 33 19.64 15.39 -1.39
C ALA C 33 19.44 16.60 -2.32
N ALA C 34 18.25 16.78 -2.89
CA ALA C 34 17.97 17.99 -3.70
C ALA C 34 18.04 19.24 -2.82
N ILE C 35 17.47 19.14 -1.62
CA ILE C 35 17.49 20.24 -0.64
C ILE C 35 18.92 20.63 -0.32
N ASP C 36 19.77 19.66 0.02
CA ASP C 36 21.20 19.91 0.26
C ASP C 36 21.88 20.54 -0.97
N SER C 37 21.55 20.05 -2.16
CA SER C 37 22.07 20.62 -3.42
C SER C 37 21.67 22.07 -3.64
N ALA C 38 20.44 22.42 -3.30
CA ALA C 38 19.96 23.79 -3.40
C ALA C 38 20.74 24.71 -2.43
N GLY C 39 20.94 24.24 -1.21
CA GLY C 39 21.79 24.97 -0.23
C GLY C 39 23.17 25.15 -0.82
N LEU C 40 23.73 24.08 -1.37
CA LEU C 40 25.07 24.14 -1.97
C LEU C 40 25.15 25.16 -3.11
N ALA C 41 24.14 25.19 -4.00
CA ALA C 41 24.13 26.22 -5.06
C ALA C 41 24.17 27.64 -4.50
N ILE C 42 23.44 27.90 -3.43
CA ILE C 42 23.47 29.19 -2.77
C ILE C 42 24.86 29.48 -2.20
N LEU C 43 25.47 28.50 -1.54
CA LEU C 43 26.83 28.72 -1.04
C LEU C 43 27.79 29.04 -2.16
N VAL C 44 27.68 28.34 -3.29
CA VAL C 44 28.55 28.57 -4.42
C VAL C 44 28.35 30.01 -4.96
N SER C 45 27.09 30.42 -5.06
CA SER C 45 26.75 31.78 -5.45
C SER C 45 27.44 32.83 -4.56
N VAL C 46 27.36 32.65 -3.26
CA VAL C 46 28.01 33.51 -2.26
C VAL C 46 29.53 33.50 -2.45
N GLY C 47 30.07 32.31 -2.70
CA GLY C 47 31.50 32.09 -2.91
C GLY C 47 32.03 32.83 -4.12
N HIS C 48 31.20 32.92 -5.15
CA HIS C 48 31.55 33.66 -6.33
C HIS C 48 31.53 35.16 -6.04
N GLN C 49 30.42 35.64 -5.50
CA GLN C 49 30.22 37.07 -5.35
C GLN C 49 31.16 37.69 -4.31
N THR C 50 31.56 36.92 -3.31
CA THR C 50 32.48 37.41 -2.27
C THR C 50 33.95 37.29 -2.64
N GLY C 51 34.25 36.58 -3.73
CA GLY C 51 35.65 36.26 -4.08
C GLY C 51 36.29 35.13 -3.32
N LEU C 52 35.52 34.42 -2.49
CA LEU C 52 36.09 33.31 -1.72
C LEU C 52 36.62 32.15 -2.57
N LEU C 53 35.93 31.81 -3.66
CA LEU C 53 36.36 30.71 -4.52
C LEU C 53 37.66 31.12 -5.23
N ASP C 54 37.72 32.36 -5.74
CA ASP C 54 38.93 32.89 -6.37
C ASP C 54 40.09 32.85 -5.35
N THR C 55 39.84 33.32 -4.13
CA THR C 55 40.86 33.34 -3.06
C THR C 55 41.40 31.95 -2.77
N MET C 56 40.53 30.96 -2.60
CA MET C 56 40.97 29.60 -2.31
C MET C 56 41.70 28.95 -3.48
N ALA C 57 41.36 29.32 -4.71
CA ALA C 57 42.08 28.78 -5.86
C ALA C 57 43.54 29.21 -5.86
N GLY C 58 43.87 30.33 -5.21
CA GLY C 58 45.26 30.77 -5.06
C GLY C 58 45.95 30.44 -3.75
N LEU C 59 45.38 29.57 -2.92
CA LEU C 59 45.94 29.26 -1.61
C LEU C 59 46.30 27.78 -1.49
N PRO C 60 47.34 27.46 -0.70
CA PRO C 60 47.53 26.08 -0.26
C PRO C 60 46.49 25.77 0.84
N PRO C 61 46.45 24.52 1.34
CA PRO C 61 45.56 24.20 2.47
C PRO C 61 45.68 25.22 3.60
N ALA C 62 44.55 25.75 4.08
CA ALA C 62 44.56 26.91 4.97
C ALA C 62 43.44 26.87 5.98
N THR C 63 43.65 27.56 7.09
CA THR C 63 42.64 27.66 8.12
C THR C 63 41.57 28.66 7.72
N SER C 64 40.46 28.62 8.45
CA SER C 64 39.34 29.54 8.22
C SER C 64 39.84 31.00 8.41
N MET C 65 40.61 31.23 9.48
CA MET C 65 41.17 32.56 9.69
C MET C 65 42.10 32.98 8.53
N GLU C 66 42.97 32.08 8.09
CA GLU C 66 43.83 32.37 6.93
C GLU C 66 43.06 32.71 5.65
N ILE C 67 42.04 31.92 5.36
CA ILE C 67 41.21 32.15 4.17
C ILE C 67 40.51 33.51 4.26
N ALA C 68 39.92 33.81 5.43
CA ALA C 68 39.19 35.04 5.60
C ALA C 68 40.12 36.24 5.44
N GLU C 69 41.33 36.12 5.99
CA GLU C 69 42.31 37.22 5.90
C GLU C 69 42.75 37.42 4.47
N ALA C 70 43.02 36.32 3.77
CA ALA C 70 43.38 36.39 2.35
C ALA C 70 42.26 36.98 1.50
N ALA C 71 41.01 36.69 1.84
CA ALA C 71 39.84 37.22 1.10
C ALA C 71 39.43 38.61 1.51
N GLY C 72 39.90 39.08 2.66
CA GLY C 72 39.46 40.39 3.18
C GLY C 72 38.06 40.38 3.75
N LEU C 73 37.67 39.28 4.39
CA LEU C 73 36.27 39.11 4.82
C LEU C 73 36.20 38.68 6.28
N GLU C 74 35.00 38.79 6.83
CA GLU C 74 34.71 38.42 8.21
C GLU C 74 34.82 36.93 8.44
N GLU C 75 35.72 36.53 9.34
CA GLU C 75 36.05 35.11 9.51
C GLU C 75 34.84 34.29 9.96
N ARG C 76 33.98 34.84 10.81
CA ARG C 76 32.85 34.04 11.31
C ARG C 76 31.90 33.60 10.16
N TYR C 77 31.70 34.49 9.17
CA TYR C 77 30.92 34.17 7.97
C TYR C 77 31.65 33.17 7.05
N VAL C 78 32.95 33.38 6.86
CA VAL C 78 33.76 32.47 6.07
C VAL C 78 33.73 31.07 6.68
N ARG C 79 33.81 30.99 8.00
CA ARG C 79 33.82 29.73 8.73
C ARG C 79 32.54 28.93 8.46
N GLU C 80 31.39 29.60 8.53
CA GLU C 80 30.10 28.92 8.31
C GLU C 80 29.92 28.49 6.86
N TRP C 81 30.30 29.38 5.92
CA TRP C 81 30.35 29.08 4.50
C TRP C 81 31.23 27.84 4.20
N LEU C 82 32.42 27.83 4.77
CA LEU C 82 33.33 26.67 4.62
C LEU C 82 32.73 25.37 5.07
N GLY C 83 31.98 25.38 6.17
CA GLY C 83 31.33 24.17 6.66
C GLY C 83 30.38 23.57 5.65
N GLY C 84 29.54 24.42 5.06
CA GLY C 84 28.58 23.92 4.05
C GLY C 84 29.24 23.51 2.74
N MET C 85 30.28 24.23 2.35
CA MET C 85 31.04 23.88 1.15
C MET C 85 31.76 22.53 1.34
N THR C 86 32.14 22.24 2.58
CA THR C 86 32.78 20.97 2.95
C THR C 86 31.78 19.82 3.00
N THR C 87 30.64 20.01 3.66
CA THR C 87 29.60 18.96 3.65
C THR C 87 29.03 18.73 2.26
N GLY C 88 29.03 19.76 1.42
CA GLY C 88 28.62 19.61 0.02
C GLY C 88 29.67 19.02 -0.91
N GLN C 89 30.82 18.62 -0.34
CA GLN C 89 31.91 17.97 -1.09
C GLN C 89 32.43 18.80 -2.26
N ILE C 90 32.59 20.09 -2.03
CA ILE C 90 33.35 20.94 -2.92
C ILE C 90 34.67 21.29 -2.24
N VAL C 91 34.60 21.91 -1.08
CA VAL C 91 35.81 22.16 -0.25
C VAL C 91 36.14 20.86 0.47
N GLU C 92 37.44 20.60 0.65
CA GLU C 92 37.95 19.46 1.43
C GLU C 92 38.54 19.97 2.73
N TYR C 93 38.20 19.33 3.84
CA TYR C 93 38.66 19.72 5.17
C TYR C 93 39.52 18.58 5.73
N ASP C 94 40.62 18.96 6.37
CA ASP C 94 41.52 18.04 7.06
C ASP C 94 41.44 18.33 8.55
N ALA C 95 40.77 17.44 9.30
CA ALA C 95 40.50 17.67 10.72
C ALA C 95 41.77 17.66 11.57
N GLY C 96 42.77 16.91 11.14
CA GLY C 96 44.04 16.83 11.86
C GLY C 96 44.70 18.18 12.00
N SER C 97 44.63 18.98 10.94
CA SER C 97 45.23 20.31 10.87
C SER C 97 44.21 21.47 10.81
N SER C 98 42.91 21.19 10.82
CA SER C 98 41.89 22.24 10.66
C SER C 98 42.12 23.11 9.42
N THR C 99 42.57 22.50 8.31
CA THR C 99 42.79 23.25 7.10
C THR C 99 41.75 22.85 6.05
N TYR C 100 41.42 23.81 5.20
CA TYR C 100 40.54 23.62 4.08
C TYR C 100 41.26 23.85 2.75
N SER C 101 40.85 23.13 1.72
CA SER C 101 41.35 23.35 0.38
C SER C 101 40.28 23.12 -0.68
N LEU C 102 40.45 23.81 -1.81
CA LEU C 102 39.59 23.69 -2.97
C LEU C 102 40.38 22.94 -4.01
N PRO C 103 40.04 21.67 -4.29
CA PRO C 103 40.78 20.92 -5.30
C PRO C 103 40.78 21.62 -6.66
N ALA C 104 41.90 21.47 -7.35
CA ALA C 104 42.15 22.20 -8.59
C ALA C 104 41.11 21.88 -9.64
N HIS C 105 40.68 20.62 -9.73
CA HIS C 105 39.71 20.23 -10.74
C HIS C 105 38.35 20.90 -10.54
N ARG C 106 38.02 21.21 -9.28
CA ARG C 106 36.80 21.96 -8.95
C ARG C 106 37.00 23.45 -9.13
N ALA C 107 38.12 23.97 -8.63
CA ALA C 107 38.49 25.38 -8.78
C ALA C 107 38.41 25.83 -10.24
N GLY C 108 38.88 24.96 -11.13
CA GLY C 108 38.89 25.24 -12.56
C GLY C 108 37.54 25.59 -13.17
N MET C 109 36.44 25.15 -12.56
CA MET C 109 35.10 25.54 -13.07
C MET C 109 34.19 26.33 -12.12
N LEU C 110 34.80 26.95 -11.10
CA LEU C 110 34.08 27.74 -10.09
C LEU C 110 34.72 29.11 -9.83
N THR C 111 35.65 29.52 -10.70
CA THR C 111 36.41 30.74 -10.51
C THR C 111 36.43 31.59 -11.77
N ARG C 112 36.68 32.88 -11.56
CA ARG C 112 36.73 33.87 -12.63
C ARG C 112 37.81 33.59 -13.69
N ALA C 113 38.86 32.89 -13.31
CA ALA C 113 39.86 32.41 -14.26
C ALA C 113 39.27 31.54 -15.37
N ALA C 114 38.16 30.84 -15.12
CA ALA C 114 37.45 30.10 -16.18
C ALA C 114 36.56 30.97 -17.11
N GLY C 115 36.48 32.28 -16.88
CA GLY C 115 35.65 33.18 -17.68
C GLY C 115 34.23 32.68 -17.92
N PRO C 116 33.87 32.36 -19.19
CA PRO C 116 32.51 31.89 -19.48
C PRO C 116 32.23 30.44 -19.03
N ASP C 117 33.26 29.66 -18.70
CA ASP C 117 33.08 28.31 -18.15
C ASP C 117 32.93 28.22 -16.62
N ASN C 118 32.97 29.38 -15.95
CA ASN C 118 32.69 29.48 -14.51
C ASN C 118 31.25 29.11 -14.18
N LEU C 119 31.06 27.87 -13.73
CA LEU C 119 29.75 27.38 -13.32
C LEU C 119 29.21 28.08 -12.07
N ALA C 120 30.07 28.69 -11.25
CA ALA C 120 29.54 29.43 -10.08
C ALA C 120 28.62 30.59 -10.47
N VAL C 121 28.81 31.14 -11.67
CA VAL C 121 27.93 32.22 -12.16
C VAL C 121 26.48 31.77 -12.29
N ILE C 122 26.28 30.56 -12.80
CA ILE C 122 24.90 30.01 -12.94
C ILE C 122 24.25 29.76 -11.58
N ALA C 123 25.07 29.39 -10.58
CA ALA C 123 24.58 29.23 -9.22
C ALA C 123 23.88 30.49 -8.71
N GLN C 124 24.32 31.67 -9.13
CA GLN C 124 23.65 32.93 -8.72
C GLN C 124 22.15 33.04 -9.10
N PHE C 125 21.69 32.25 -10.06
CA PHE C 125 20.28 32.29 -10.45
C PHE C 125 19.34 31.63 -9.44
N VAL C 126 19.87 30.79 -8.53
CA VAL C 126 19.03 30.26 -7.46
C VAL C 126 18.47 31.37 -6.55
N SER C 127 19.36 32.25 -6.10
CA SER C 127 18.91 33.40 -5.31
C SER C 127 18.11 34.39 -6.13
N LEU C 128 18.55 34.67 -7.36
CA LEU C 128 17.80 35.63 -8.19
C LEU C 128 16.35 35.20 -8.44
N LEU C 129 16.11 33.91 -8.66
CA LEU C 129 14.72 33.43 -8.82
C LEU C 129 14.01 33.35 -7.51
N GLY C 130 14.72 32.95 -6.46
CA GLY C 130 14.18 33.00 -5.12
C GLY C 130 13.64 34.36 -4.73
N GLU C 131 14.33 35.43 -5.16
CA GLU C 131 13.88 36.79 -4.87
C GLU C 131 12.49 37.14 -5.41
N VAL C 132 12.09 36.53 -6.52
CA VAL C 132 10.79 36.80 -7.12
C VAL C 132 9.75 35.72 -6.90
N GLU C 133 10.05 34.73 -6.06
CA GLU C 133 9.13 33.58 -5.90
C GLU C 133 7.73 34.00 -5.48
N GLN C 134 7.62 34.92 -4.51
CA GLN C 134 6.30 35.34 -4.01
C GLN C 134 5.51 36.12 -5.08
N LYS C 135 6.21 36.95 -5.85
CA LYS C 135 5.59 37.66 -6.97
C LYS C 135 5.11 36.73 -8.07
N VAL C 136 5.90 35.71 -8.39
CA VAL C 136 5.49 34.73 -9.40
C VAL C 136 4.27 33.92 -8.92
N ILE C 137 4.30 33.48 -7.66
CA ILE C 137 3.17 32.78 -7.05
C ILE C 137 1.86 33.56 -7.18
N ARG C 138 1.90 34.86 -6.93
CA ARG C 138 0.70 35.70 -7.11
C ARG C 138 0.18 35.60 -8.54
N CYS C 139 1.07 35.55 -9.53
CA CYS C 139 0.66 35.42 -10.92
C CYS C 139 -0.05 34.10 -11.25
N PHE C 140 0.28 33.01 -10.54
CA PHE C 140 -0.49 31.75 -10.68
C PHE C 140 -1.99 31.99 -10.40
N ARG C 141 -2.28 32.86 -9.42
CA ARG C 141 -3.67 33.11 -9.01
C ARG C 141 -4.28 34.23 -9.84
N GLU C 142 -3.53 35.31 -10.03
CA GLU C 142 -4.05 36.54 -10.61
C GLU C 142 -3.74 36.80 -12.08
N GLY C 143 -2.91 35.96 -12.70
CA GLY C 143 -2.48 36.20 -14.08
C GLY C 143 -1.52 37.35 -14.18
N GLY C 144 -1.32 37.84 -15.41
CA GLY C 144 -0.30 38.83 -15.67
C GLY C 144 1.09 38.22 -15.55
N GLY C 145 2.03 39.00 -15.09
CA GLY C 145 3.40 38.54 -14.91
C GLY C 145 4.19 39.53 -14.13
N VAL C 146 5.45 39.18 -13.86
CA VAL C 146 6.41 40.07 -13.18
C VAL C 146 7.18 40.89 -14.22
N PRO C 147 7.11 42.24 -14.12
CA PRO C 147 7.75 43.06 -15.14
C PRO C 147 9.27 43.01 -15.20
N TYR C 148 9.80 43.26 -16.39
CA TYR C 148 11.23 43.19 -16.73
C TYR C 148 12.06 44.08 -15.78
N SER C 149 11.50 45.25 -15.44
CA SER C 149 12.08 46.20 -14.50
C SER C 149 12.37 45.64 -13.11
N GLU C 150 11.70 44.55 -12.72
CA GLU C 150 11.97 43.91 -11.42
C GLU C 150 13.27 43.06 -11.34
N TYR C 151 13.98 42.87 -12.45
CA TYR C 151 15.14 41.97 -12.51
C TYR C 151 16.47 42.63 -12.90
N PRO C 152 16.79 43.82 -12.35
CA PRO C 152 18.01 44.47 -12.79
C PRO C 152 19.32 43.67 -12.54
N ARG C 153 19.42 42.98 -11.41
CA ARG C 153 20.63 42.22 -11.13
C ARG C 153 20.77 41.04 -12.09
N PHE C 154 19.68 40.30 -12.29
CA PHE C 154 19.62 39.20 -13.27
C PHE C 154 20.14 39.65 -14.66
N HIS C 155 19.64 40.77 -15.14
CA HIS C 155 20.02 41.24 -16.49
C HIS C 155 21.49 41.67 -16.63
N LYS C 156 21.96 42.37 -15.60
CA LYS C 156 23.34 42.76 -15.50
C LYS C 156 24.25 41.53 -15.60
N LEU C 157 23.88 40.46 -14.88
CA LEU C 157 24.70 39.27 -14.86
C LEU C 157 24.69 38.54 -16.21
N MET C 158 23.51 38.41 -16.80
CA MET C 158 23.42 37.84 -18.18
C MET C 158 24.29 38.62 -19.18
N ALA C 159 24.28 39.95 -19.11
CA ALA C 159 25.10 40.77 -20.01
C ALA C 159 26.59 40.57 -19.79
N GLU C 160 27.01 40.42 -18.53
CA GLU C 160 28.43 40.12 -18.25
C GLU C 160 28.82 38.78 -18.86
N MET C 161 27.97 37.77 -18.66
CA MET C 161 28.21 36.41 -19.20
C MET C 161 28.35 36.44 -20.72
N SER C 162 27.36 37.03 -21.38
CA SER C 162 27.33 37.02 -22.85
C SER C 162 28.50 37.83 -23.44
N GLY C 163 28.88 38.92 -22.76
CA GLY C 163 30.10 39.67 -23.11
C GLY C 163 31.37 38.81 -23.16
N MET C 164 31.55 37.94 -22.17
CA MET C 164 32.68 36.99 -22.14
C MET C 164 32.61 35.96 -23.27
N VAL C 165 31.41 35.42 -23.54
CA VAL C 165 31.23 34.48 -24.66
C VAL C 165 31.52 35.16 -26.01
N PHE C 166 31.00 36.36 -26.20
CA PHE C 166 31.27 37.10 -27.44
C PHE C 166 32.79 37.31 -27.64
N ASP C 167 33.47 37.80 -26.60
CA ASP C 167 34.94 37.92 -26.60
C ASP C 167 35.63 36.62 -26.98
N ALA C 168 35.18 35.51 -26.42
CA ALA C 168 35.79 34.20 -26.66
C ALA C 168 35.51 33.62 -28.06
N ALA C 169 34.32 33.86 -28.60
CA ALA C 169 33.86 33.02 -29.70
C ALA C 169 33.08 33.67 -30.85
N LEU C 170 32.69 34.93 -30.73
CA LEU C 170 31.81 35.51 -31.75
C LEU C 170 32.48 35.49 -33.13
N ILE C 171 33.69 36.05 -33.21
CA ILE C 171 34.35 36.24 -34.50
C ILE C 171 34.85 34.92 -35.07
N ASP C 172 35.47 34.09 -34.24
CA ASP C 172 36.16 32.92 -34.77
C ASP C 172 35.38 31.62 -34.78
N VAL C 173 34.28 31.52 -34.01
CA VAL C 173 33.49 30.28 -33.94
C VAL C 173 32.06 30.47 -34.45
N VAL C 174 31.38 31.48 -33.94
CA VAL C 174 29.94 31.68 -34.20
C VAL C 174 29.67 32.14 -35.62
N LEU C 175 30.22 33.29 -35.97
CA LEU C 175 29.99 33.85 -37.30
C LEU C 175 30.39 32.92 -38.46
N PRO C 176 31.51 32.18 -38.33
CA PRO C 176 31.86 31.17 -39.33
C PRO C 176 30.85 30.01 -39.53
N LEU C 177 29.93 29.80 -38.59
CA LEU C 177 28.86 28.83 -38.81
C LEU C 177 28.02 29.17 -40.02
N VAL C 178 27.91 30.45 -40.36
CA VAL C 178 27.09 30.87 -41.48
C VAL C 178 27.99 30.85 -42.71
N ASP C 179 27.75 29.89 -43.62
CA ASP C 179 28.60 29.71 -44.79
C ASP C 179 28.67 31.03 -45.53
N GLY C 180 29.88 31.50 -45.80
CA GLY C 180 30.07 32.72 -46.54
C GLY C 180 30.04 34.03 -45.76
N LEU C 181 29.62 33.98 -44.48
CA LEU C 181 29.37 35.22 -43.76
C LEU C 181 30.64 36.02 -43.42
N PRO C 182 31.71 35.37 -42.90
CA PRO C 182 32.93 36.14 -42.65
C PRO C 182 33.44 36.91 -43.88
N ASP C 183 33.42 36.29 -45.07
CA ASP C 183 33.88 37.00 -46.29
C ASP C 183 32.95 38.12 -46.73
N ARG C 184 31.66 37.88 -46.56
CA ARG C 184 30.67 38.90 -46.86
C ARG C 184 30.82 40.11 -45.94
N LEU C 185 31.14 39.87 -44.67
CA LEU C 185 31.42 40.95 -43.71
C LEU C 185 32.75 41.68 -44.01
N ARG C 186 33.77 40.91 -44.35
CA ARG C 186 35.06 41.48 -44.79
C ARG C 186 34.90 42.36 -46.03
N SER C 187 34.16 41.90 -47.02
CA SER C 187 33.90 42.69 -48.24
C SER C 187 33.09 43.93 -47.99
N GLY C 188 32.03 43.81 -47.18
CA GLY C 188 31.21 44.98 -46.83
C GLY C 188 29.74 44.68 -46.88
N ALA C 189 29.12 44.70 -45.71
CA ALA C 189 27.66 44.54 -45.60
C ALA C 189 27.08 45.52 -44.59
N ASP C 190 25.78 45.80 -44.73
CA ASP C 190 25.02 46.50 -43.67
C ASP C 190 24.41 45.48 -42.68
N VAL C 191 24.75 45.66 -41.42
CA VAL C 191 24.50 44.66 -40.39
C VAL C 191 23.75 45.31 -39.22
N ALA C 192 22.82 44.58 -38.62
CA ALA C 192 22.21 45.05 -37.39
C ALA C 192 22.17 43.95 -36.36
N ASP C 193 22.38 44.33 -35.11
CA ASP C 193 22.22 43.44 -34.01
C ASP C 193 20.96 43.88 -33.24
N PHE C 194 19.94 43.03 -33.31
CA PHE C 194 18.62 43.34 -32.77
C PHE C 194 18.65 42.88 -31.32
N GLY C 195 18.49 43.81 -30.39
CA GLY C 195 18.52 43.51 -28.96
C GLY C 195 19.95 43.45 -28.47
N CYS C 196 20.70 44.50 -28.80
CA CYS C 196 22.17 44.52 -28.69
C CYS C 196 22.74 44.68 -27.28
N GLY C 197 21.89 45.02 -26.31
CA GLY C 197 22.37 45.29 -24.95
C GLY C 197 23.33 46.44 -24.99
N SER C 198 24.43 46.33 -24.26
CA SER C 198 25.43 47.41 -24.21
C SER C 198 26.41 47.40 -25.41
N GLY C 199 26.24 46.48 -26.36
CA GLY C 199 26.87 46.62 -27.68
C GLY C 199 28.18 45.88 -27.85
N ARG C 200 28.47 44.92 -26.96
CA ARG C 200 29.69 44.14 -27.07
C ARG C 200 29.80 43.43 -28.43
N ALA C 201 28.70 42.85 -28.91
CA ALA C 201 28.75 42.10 -30.18
C ALA C 201 29.06 43.06 -31.34
N VAL C 202 28.36 44.19 -31.36
CA VAL C 202 28.57 45.23 -32.38
C VAL C 202 30.03 45.74 -32.37
N LYS C 203 30.58 45.94 -31.18
CA LYS C 203 31.94 46.44 -31.04
C LYS C 203 32.94 45.46 -31.65
N LEU C 204 32.82 44.19 -31.25
CA LEU C 204 33.70 43.14 -31.76
C LEU C 204 33.59 42.99 -33.28
N MET C 205 32.37 43.00 -33.80
CA MET C 205 32.18 42.84 -35.25
C MET C 205 32.69 44.07 -36.01
N ALA C 206 32.38 45.26 -35.50
CA ALA C 206 32.83 46.50 -36.12
C ALA C 206 34.38 46.58 -36.21
N GLN C 207 35.06 46.04 -35.20
CA GLN C 207 36.53 45.96 -35.16
C GLN C 207 37.08 44.95 -36.14
N ALA C 208 36.47 43.77 -36.15
CA ALA C 208 36.88 42.71 -37.05
C ALA C 208 36.60 43.04 -38.51
N PHE C 209 35.61 43.87 -38.81
CA PHE C 209 35.18 44.06 -40.21
C PHE C 209 34.97 45.54 -40.54
N GLY C 210 36.08 46.24 -40.78
CA GLY C 210 36.03 47.63 -41.16
C GLY C 210 35.19 47.97 -42.39
N ALA C 211 35.03 47.04 -43.33
CA ALA C 211 34.22 47.36 -44.53
C ALA C 211 32.71 47.44 -44.26
N SER C 212 32.26 46.78 -43.19
CA SER C 212 30.82 46.70 -42.89
C SER C 212 30.33 47.82 -41.96
N ARG C 213 29.03 48.12 -42.06
CA ARG C 213 28.34 49.08 -41.21
C ARG C 213 27.51 48.27 -40.21
N PHE C 214 27.65 48.57 -38.91
CA PHE C 214 26.90 47.90 -37.84
C PHE C 214 26.01 48.85 -37.06
N THR C 215 24.73 48.48 -36.92
CA THR C 215 23.78 49.18 -36.04
C THR C 215 23.31 48.25 -34.91
N GLY C 216 23.56 48.63 -33.67
CA GLY C 216 22.98 47.95 -32.52
C GLY C 216 21.63 48.59 -32.22
N ILE C 217 20.58 47.78 -32.06
CA ILE C 217 19.24 48.27 -31.69
C ILE C 217 18.84 47.69 -30.33
N ASP C 218 18.41 48.54 -29.40
CA ASP C 218 17.96 48.08 -28.08
C ASP C 218 16.98 49.08 -27.51
N PHE C 219 16.07 48.65 -26.64
CA PHE C 219 15.12 49.60 -26.05
C PHE C 219 15.67 50.41 -24.85
N SER C 220 16.85 50.06 -24.35
CA SER C 220 17.45 50.75 -23.18
C SER C 220 18.25 51.99 -23.61
N ASP C 221 17.82 53.17 -23.16
CA ASP C 221 18.59 54.42 -23.30
C ASP C 221 20.03 54.31 -22.79
N GLU C 222 20.18 53.70 -21.61
CA GLU C 222 21.49 53.52 -20.99
C GLU C 222 22.40 52.67 -21.85
N ALA C 223 21.87 51.53 -22.30
CA ALA C 223 22.62 50.65 -23.18
C ALA C 223 23.01 51.32 -24.50
N VAL C 224 22.10 52.13 -25.07
CA VAL C 224 22.36 52.84 -26.33
C VAL C 224 23.48 53.90 -26.17
N ALA C 225 23.44 54.67 -25.07
CA ALA C 225 24.51 55.64 -24.75
C ALA C 225 25.84 54.94 -24.45
N ALA C 226 25.81 53.93 -23.58
CA ALA C 226 26.98 53.07 -23.32
C ALA C 226 27.66 52.63 -24.62
N GLY C 227 26.89 52.09 -25.56
CA GLY C 227 27.38 51.69 -26.87
C GLY C 227 27.93 52.84 -27.70
N THR C 228 27.20 53.96 -27.74
CA THR C 228 27.63 55.12 -28.52
C THR C 228 28.97 55.68 -28.01
N GLU C 229 29.05 55.84 -26.69
CA GLU C 229 30.23 56.39 -26.03
C GLU C 229 31.45 55.51 -26.31
N GLU C 230 31.27 54.19 -26.23
CA GLU C 230 32.36 53.24 -26.45
C GLU C 230 32.87 53.23 -27.91
N ALA C 231 31.96 53.40 -28.87
CA ALA C 231 32.34 53.50 -30.27
C ALA C 231 33.16 54.75 -30.57
N ALA C 232 32.83 55.85 -29.88
CA ALA C 232 33.62 57.09 -29.93
C ALA C 232 35.00 56.88 -29.31
N ARG C 233 35.03 56.28 -28.11
CA ARG C 233 36.30 55.91 -27.46
C ARG C 233 37.24 55.13 -28.37
N LEU C 234 36.73 54.10 -29.02
CA LEU C 234 37.57 53.21 -29.83
C LEU C 234 37.72 53.61 -31.31
N GLY C 235 37.18 54.76 -31.71
CA GLY C 235 37.27 55.23 -33.08
C GLY C 235 36.52 54.39 -34.11
N LEU C 236 35.48 53.67 -33.67
CA LEU C 236 34.68 52.82 -34.55
C LEU C 236 33.59 53.66 -35.20
N ALA C 237 33.95 54.32 -36.29
CA ALA C 237 33.00 55.10 -37.09
C ALA C 237 31.90 54.23 -37.75
N ASN C 238 32.19 52.94 -37.94
CA ASN C 238 31.24 52.01 -38.55
C ASN C 238 30.31 51.28 -37.54
N ALA C 239 30.24 51.75 -36.30
CA ALA C 239 29.29 51.24 -35.31
C ALA C 239 28.37 52.38 -34.90
N THR C 240 27.04 52.21 -35.02
CA THR C 240 26.09 53.13 -34.43
C THR C 240 25.09 52.36 -33.59
N PHE C 241 24.38 53.09 -32.72
CA PHE C 241 23.37 52.50 -31.84
C PHE C 241 22.10 53.32 -31.87
N GLU C 242 20.97 52.62 -31.82
CA GLU C 242 19.69 53.27 -31.94
C GLU C 242 18.75 52.65 -30.94
N ARG C 243 17.92 53.51 -30.32
CA ARG C 243 16.92 53.08 -29.34
C ARG C 243 15.61 52.80 -30.08
N HIS C 244 15.15 51.55 -30.03
CA HIS C 244 13.85 51.18 -30.61
C HIS C 244 13.34 49.96 -29.86
N ASP C 245 12.02 49.77 -29.86
CA ASP C 245 11.42 48.51 -29.44
C ASP C 245 11.39 47.60 -30.64
N LEU C 246 11.85 46.35 -30.51
CA LEU C 246 11.93 45.45 -31.67
C LEU C 246 10.60 45.08 -32.31
N ALA C 247 9.50 45.17 -31.56
CA ALA C 247 8.16 44.94 -32.11
C ALA C 247 7.60 46.09 -32.97
N GLU C 248 8.28 47.25 -32.97
CA GLU C 248 7.80 48.43 -33.69
C GLU C 248 8.96 49.07 -34.43
N LEU C 249 9.24 48.59 -35.64
CA LEU C 249 10.37 49.10 -36.43
C LEU C 249 9.95 49.67 -37.78
N ASP C 250 10.71 50.64 -38.27
CA ASP C 250 10.48 51.17 -39.63
C ASP C 250 11.56 50.74 -40.63
N LYS C 251 12.37 49.74 -40.28
CA LYS C 251 13.50 49.31 -41.13
C LYS C 251 12.94 48.41 -42.25
N VAL C 252 13.16 48.79 -43.51
CA VAL C 252 12.72 47.99 -44.67
C VAL C 252 13.88 47.84 -45.62
N GLY C 253 14.29 46.59 -45.87
CA GLY C 253 15.42 46.31 -46.74
C GLY C 253 16.62 47.16 -46.38
N ALA C 254 16.90 47.24 -45.09
CA ALA C 254 17.98 48.05 -44.56
C ALA C 254 19.27 47.27 -44.35
N TYR C 255 19.17 45.96 -44.13
CA TYR C 255 20.31 45.18 -43.66
C TYR C 255 20.49 43.92 -44.49
N ASP C 256 21.75 43.57 -44.72
CA ASP C 256 22.15 42.33 -45.36
C ASP C 256 22.23 41.21 -44.35
N VAL C 257 22.56 41.58 -43.11
CA VAL C 257 22.80 40.62 -42.04
C VAL C 257 22.15 41.15 -40.75
N ILE C 258 21.38 40.30 -40.08
CA ILE C 258 20.79 40.63 -38.77
C ILE C 258 21.15 39.52 -37.81
N THR C 259 21.70 39.90 -36.65
CA THR C 259 22.01 38.98 -35.58
C THR C 259 21.04 39.21 -34.43
N VAL C 260 20.64 38.13 -33.76
CA VAL C 260 19.76 38.20 -32.61
C VAL C 260 20.26 37.19 -31.59
N PHE C 261 20.86 37.68 -30.52
CA PHE C 261 21.46 36.82 -29.50
C PHE C 261 20.58 36.83 -28.24
N ASP C 262 19.83 35.74 -28.04
CA ASP C 262 18.99 35.57 -26.86
C ASP C 262 18.06 36.76 -26.66
N ALA C 263 17.31 37.11 -27.70
CA ALA C 263 16.40 38.24 -27.57
C ALA C 263 15.02 38.02 -28.16
N ILE C 264 14.63 36.77 -28.46
CA ILE C 264 13.31 36.52 -29.08
C ILE C 264 12.33 35.91 -28.09
N HIS C 265 12.74 34.87 -27.38
CA HIS C 265 11.76 34.11 -26.60
C HIS C 265 11.16 34.91 -25.44
N ASP C 266 11.89 35.92 -24.95
CA ASP C 266 11.41 36.90 -23.93
C ASP C 266 10.34 37.92 -24.41
N GLN C 267 10.20 38.10 -25.72
CA GLN C 267 9.42 39.22 -26.27
C GLN C 267 7.95 39.12 -25.95
N ALA C 268 7.28 40.27 -25.84
CA ALA C 268 5.82 40.30 -25.83
C ALA C 268 5.22 39.77 -27.12
N GLN C 269 5.80 40.14 -28.26
CA GLN C 269 5.24 39.83 -29.58
C GLN C 269 6.33 39.23 -30.46
N PRO C 270 6.80 38.00 -30.11
CA PRO C 270 7.87 37.38 -30.89
C PRO C 270 7.55 37.22 -32.36
N ALA C 271 6.31 36.90 -32.72
CA ALA C 271 5.95 36.75 -34.14
C ALA C 271 6.10 38.08 -34.89
N ARG C 272 5.71 39.17 -34.26
CA ARG C 272 5.88 40.49 -34.87
C ARG C 272 7.36 40.86 -34.98
N VAL C 273 8.14 40.54 -33.96
CA VAL C 273 9.59 40.77 -34.02
C VAL C 273 10.21 40.04 -35.22
N LEU C 274 9.88 38.77 -35.38
CA LEU C 274 10.43 37.98 -36.49
C LEU C 274 9.98 38.50 -37.85
N GLN C 275 8.73 38.96 -37.92
CA GLN C 275 8.23 39.60 -39.13
C GLN C 275 9.01 40.89 -39.46
N ASN C 276 9.27 41.69 -38.45
CA ASN C 276 10.09 42.90 -38.59
C ASN C 276 11.50 42.59 -39.07
N ILE C 277 12.08 41.50 -38.58
CA ILE C 277 13.39 41.05 -39.03
C ILE C 277 13.37 40.73 -40.51
N TYR C 278 12.38 39.93 -40.93
CA TYR C 278 12.24 39.56 -42.33
C TYR C 278 12.11 40.81 -43.24
N ARG C 279 11.32 41.77 -42.79
CA ARG C 279 11.09 43.03 -43.49
C ARG C 279 12.35 43.87 -43.57
N ALA C 280 13.07 43.91 -42.46
CA ALA C 280 14.29 44.69 -42.36
C ALA C 280 15.42 44.13 -43.25
N LEU C 281 15.39 42.84 -43.51
CA LEU C 281 16.40 42.21 -44.35
C LEU C 281 16.22 42.58 -45.81
N ARG C 282 17.34 42.77 -46.48
CA ARG C 282 17.35 42.86 -47.92
C ARG C 282 17.22 41.50 -48.57
N PRO C 283 16.79 41.48 -49.85
CA PRO C 283 16.89 40.25 -50.63
C PRO C 283 18.29 39.67 -50.58
N GLY C 284 18.40 38.36 -50.39
CA GLY C 284 19.70 37.71 -50.25
C GLY C 284 20.28 37.86 -48.85
N GLY C 285 19.54 38.46 -47.93
CA GLY C 285 20.01 38.62 -46.57
C GLY C 285 19.95 37.36 -45.72
N VAL C 286 20.52 37.47 -44.54
CA VAL C 286 20.54 36.37 -43.59
C VAL C 286 20.38 36.86 -42.15
N LEU C 287 19.56 36.10 -41.42
CA LEU C 287 19.38 36.20 -39.99
C LEU C 287 20.15 35.07 -39.32
N LEU C 288 20.97 35.43 -38.33
CA LEU C 288 21.55 34.52 -37.38
C LEU C 288 20.86 34.76 -36.04
N MET C 289 20.02 33.81 -35.65
CA MET C 289 19.29 33.88 -34.39
C MET C 289 19.85 32.82 -33.47
N VAL C 290 20.38 33.24 -32.33
CA VAL C 290 20.95 32.33 -31.35
C VAL C 290 19.95 32.27 -30.20
N ASP C 291 19.51 31.07 -29.87
CA ASP C 291 18.55 30.93 -28.77
C ASP C 291 18.71 29.54 -28.16
N ILE C 292 17.90 29.23 -27.15
CA ILE C 292 18.11 28.10 -26.25
C ILE C 292 17.84 26.76 -26.91
N LYS C 293 18.79 25.83 -26.75
CA LYS C 293 18.68 24.50 -27.28
C LYS C 293 17.79 23.67 -26.36
N ALA C 294 16.62 23.31 -26.88
CA ALA C 294 15.69 22.44 -26.19
C ALA C 294 14.65 21.98 -27.22
N SER C 295 13.88 20.96 -26.87
CA SER C 295 12.75 20.54 -27.69
C SER C 295 11.49 21.28 -27.27
N SER C 296 10.62 21.53 -28.23
CA SER C 296 9.28 22.04 -28.00
C SER C 296 8.36 20.96 -27.41
N GLN C 297 8.80 19.70 -27.41
CA GLN C 297 8.03 18.61 -26.79
C GLN C 297 8.67 18.19 -25.47
N LEU C 298 7.91 18.30 -24.39
CA LEU C 298 8.41 18.07 -23.04
C LEU C 298 9.17 16.73 -22.91
N GLU C 299 8.59 15.66 -23.45
CA GLU C 299 9.17 14.32 -23.30
C GLU C 299 10.61 14.21 -23.79
N ASP C 300 10.97 15.00 -24.79
CA ASP C 300 12.33 15.05 -25.32
C ASP C 300 13.32 15.71 -24.34
N ASN C 301 12.82 16.55 -23.45
CA ASN C 301 13.71 17.29 -22.53
C ASN C 301 13.98 16.54 -21.22
N VAL C 302 13.18 15.52 -20.95
CA VAL C 302 13.37 14.68 -19.76
C VAL C 302 14.71 13.92 -19.88
N GLY C 303 15.56 14.04 -18.88
CA GLY C 303 16.86 13.42 -18.88
C GLY C 303 17.98 14.25 -19.45
N VAL C 304 17.70 15.41 -20.05
CA VAL C 304 18.77 16.24 -20.60
C VAL C 304 19.25 17.17 -19.47
N PRO C 305 20.56 17.18 -19.18
CA PRO C 305 21.00 18.13 -18.16
C PRO C 305 20.53 19.57 -18.43
N LEU C 306 20.22 20.27 -17.34
CA LEU C 306 19.78 21.66 -17.30
C LEU C 306 18.33 21.88 -17.71
N SER C 307 17.59 20.84 -18.10
CA SER C 307 16.19 21.04 -18.46
C SER C 307 15.35 21.64 -17.29
N THR C 308 15.51 21.12 -16.09
CA THR C 308 14.74 21.65 -14.96
C THR C 308 15.10 23.11 -14.69
N TYR C 309 16.38 23.42 -14.73
CA TYR C 309 16.84 24.80 -14.64
C TYR C 309 16.19 25.70 -15.71
N LEU C 310 16.11 25.20 -16.95
CA LEU C 310 15.50 25.97 -18.02
C LEU C 310 14.00 26.20 -17.81
N TYR C 311 13.25 25.18 -17.37
CA TYR C 311 11.82 25.36 -17.08
C TYR C 311 11.63 26.32 -15.91
N THR C 312 12.53 26.27 -14.93
CA THR C 312 12.43 27.10 -13.75
C THR C 312 12.71 28.55 -14.07
N THR C 313 13.80 28.80 -14.78
CA THR C 313 14.18 30.10 -15.33
C THR C 313 13.05 30.68 -16.19
N SER C 314 12.40 29.82 -16.98
CA SER C 314 11.29 30.26 -17.82
C SER C 314 10.09 30.72 -16.95
N LEU C 315 9.67 29.87 -16.03
CA LEU C 315 8.53 30.14 -15.17
C LEU C 315 8.71 31.44 -14.39
N MET C 316 9.92 31.64 -13.90
CA MET C 316 10.18 32.71 -12.93
C MET C 316 10.81 33.95 -13.51
N HIS C 317 11.13 33.93 -14.80
CA HIS C 317 11.67 35.08 -15.48
C HIS C 317 11.20 35.22 -16.95
N CSD C 318 11.73 34.39 -17.86
CA CSD C 318 11.52 34.62 -19.32
CB CSD C 318 12.34 33.69 -20.23
SG CSD C 318 14.01 33.99 -20.11
C CSD C 318 10.07 34.60 -19.76
O CSD C 318 9.64 35.45 -20.58
OD1 CSD C 318 14.43 33.01 -19.21
OD2 CSD C 318 14.84 34.15 -21.43
N MET C 319 9.30 33.65 -19.23
CA MET C 319 7.88 33.56 -19.55
C MET C 319 7.12 34.73 -18.90
N THR C 320 7.37 34.94 -17.60
CA THR C 320 6.56 35.87 -16.81
C THR C 320 6.77 37.33 -17.25
N VAL C 321 7.97 37.67 -17.70
CA VAL C 321 8.25 39.01 -18.19
C VAL C 321 7.45 39.33 -19.46
N SER C 322 7.26 38.34 -20.31
CA SER C 322 6.41 38.47 -21.50
C SER C 322 4.95 38.61 -21.09
N LEU C 323 4.50 37.74 -20.20
CA LEU C 323 3.13 37.77 -19.71
C LEU C 323 2.76 39.07 -18.97
N ALA C 324 3.73 39.72 -18.35
CA ALA C 324 3.55 41.04 -17.73
C ALA C 324 3.06 42.09 -18.75
N LEU C 325 3.56 41.95 -19.98
CA LEU C 325 3.21 42.82 -21.11
C LEU C 325 1.99 42.34 -21.91
N ASP C 326 1.21 41.42 -21.34
CA ASP C 326 0.15 40.74 -22.06
C ASP C 326 0.69 40.15 -23.35
N GLY C 327 1.83 39.45 -23.23
CA GLY C 327 2.56 38.92 -24.37
C GLY C 327 2.34 37.44 -24.56
N ALA C 328 3.10 36.90 -25.51
CA ALA C 328 3.02 35.52 -25.94
C ALA C 328 3.43 34.50 -24.87
N GLY C 329 4.32 34.87 -23.98
CA GLY C 329 4.83 33.92 -22.98
C GLY C 329 5.32 32.57 -23.50
N LEU C 330 6.14 32.60 -24.55
CA LEU C 330 6.68 31.39 -25.15
C LEU C 330 7.63 30.69 -24.19
N GLY C 331 8.37 31.48 -23.42
CA GLY C 331 9.27 30.94 -22.42
C GLY C 331 10.60 30.49 -22.99
N THR C 332 11.50 30.21 -22.07
CA THR C 332 12.88 29.80 -22.37
C THR C 332 12.95 28.50 -23.17
N VAL C 333 11.99 27.60 -22.96
CA VAL C 333 11.99 26.28 -23.57
C VAL C 333 11.04 26.25 -24.77
N TRP C 334 10.85 27.38 -25.43
CA TRP C 334 10.00 27.41 -26.63
C TRP C 334 10.39 26.31 -27.63
N GLY C 335 11.69 26.04 -27.74
CA GLY C 335 12.15 24.84 -28.42
C GLY C 335 12.39 24.96 -29.92
N ARG C 336 13.23 24.06 -30.43
CA ARG C 336 13.64 24.09 -31.84
C ARG C 336 12.48 24.06 -32.82
N GLN C 337 11.52 23.16 -32.59
CA GLN C 337 10.47 22.92 -33.56
C GLN C 337 9.60 24.16 -33.68
N LEU C 338 9.25 24.76 -32.56
CA LEU C 338 8.44 26.00 -32.59
C LEU C 338 9.25 27.18 -33.15
N ALA C 339 10.52 27.30 -32.76
CA ALA C 339 11.37 28.34 -33.32
C ALA C 339 11.44 28.22 -34.87
N THR C 340 11.63 27.00 -35.33
CA THR C 340 11.69 26.73 -36.78
C THR C 340 10.40 27.11 -37.51
N SER C 341 9.24 26.68 -37.00
CA SER C 341 7.96 27.00 -37.66
C SER C 341 7.61 28.51 -37.58
N MET C 342 7.95 29.18 -36.47
CA MET C 342 7.80 30.65 -36.39
C MET C 342 8.63 31.43 -37.42
N LEU C 343 9.86 30.99 -37.68
CA LEU C 343 10.67 31.55 -38.75
C LEU C 343 9.97 31.39 -40.10
N ALA C 344 9.41 30.21 -40.36
CA ALA C 344 8.61 30.01 -41.57
C ALA C 344 7.40 30.97 -41.64
N ASP C 345 6.67 31.14 -40.53
CA ASP C 345 5.53 32.06 -40.49
C ASP C 345 5.98 33.50 -40.77
N ALA C 346 7.19 33.86 -40.36
CA ALA C 346 7.73 35.19 -40.65
C ALA C 346 8.13 35.42 -42.11
N GLY C 347 8.16 34.37 -42.92
CA GLY C 347 8.43 34.45 -44.37
C GLY C 347 9.71 33.78 -44.85
N PHE C 348 10.53 33.28 -43.92
CA PHE C 348 11.75 32.56 -44.31
C PHE C 348 11.39 31.17 -44.83
N THR C 349 11.83 30.86 -46.04
CA THR C 349 11.64 29.54 -46.64
C THR C 349 12.94 28.72 -46.58
N ASP C 350 13.97 29.23 -45.94
CA ASP C 350 15.29 28.58 -45.96
C ASP C 350 15.89 28.75 -44.58
N VAL C 351 15.74 27.72 -43.76
CA VAL C 351 16.15 27.76 -42.35
C VAL C 351 17.03 26.55 -42.10
N THR C 352 18.19 26.75 -41.49
CA THR C 352 18.96 25.63 -40.95
C THR C 352 19.29 25.88 -39.48
N VAL C 353 19.63 24.80 -38.79
CA VAL C 353 19.98 24.85 -37.37
C VAL C 353 21.38 24.32 -37.25
N ALA C 354 22.28 25.14 -36.73
CA ALA C 354 23.66 24.73 -36.54
C ALA C 354 23.90 24.55 -35.05
N GLU C 355 24.83 23.66 -34.74
CA GLU C 355 25.27 23.41 -33.38
C GLU C 355 26.78 23.51 -33.27
N ILE C 356 27.27 23.94 -32.11
CA ILE C 356 28.69 23.86 -31.78
C ILE C 356 28.79 22.75 -30.73
N GLU C 357 29.60 21.73 -31.03
CA GLU C 357 29.90 20.60 -30.13
C GLU C 357 30.18 21.08 -28.71
N SER C 358 31.02 22.10 -28.62
CA SER C 358 31.30 22.82 -27.37
C SER C 358 30.07 23.35 -26.61
N ASP C 359 29.11 23.90 -27.35
CA ASP C 359 28.01 24.67 -26.75
C ASP C 359 26.72 23.84 -26.57
N VAL C 360 26.39 23.44 -25.34
CA VAL C 360 25.19 22.62 -25.11
C VAL C 360 23.91 23.41 -24.90
N LEU C 361 24.02 24.72 -24.63
CA LEU C 361 22.84 25.53 -24.34
C LEU C 361 22.20 26.24 -25.51
N ASN C 362 22.91 26.45 -26.62
CA ASN C 362 22.39 27.28 -27.72
C ASN C 362 22.19 26.53 -29.04
N ASN C 363 21.11 26.86 -29.74
CA ASN C 363 20.98 26.55 -31.16
C ASN C 363 21.31 27.79 -31.95
N TYR C 364 21.85 27.59 -33.13
CA TYR C 364 22.19 28.68 -34.06
C TYR C 364 21.32 28.56 -35.27
N TYR C 365 20.24 29.35 -35.32
CA TYR C 365 19.29 29.33 -36.44
C TYR C 365 19.73 30.26 -37.54
N ILE C 366 19.85 29.74 -38.75
CA ILE C 366 20.35 30.51 -39.89
C ILE C 366 19.21 30.58 -40.90
N ALA C 367 18.69 31.77 -41.11
CA ALA C 367 17.48 31.92 -41.91
C ALA C 367 17.80 32.86 -43.04
N ARG C 368 17.69 32.38 -44.29
CA ARG C 368 18.08 33.19 -45.44
C ARG C 368 16.89 33.69 -46.21
N LYS C 369 16.95 34.94 -46.65
CA LYS C 369 15.87 35.58 -47.42
C LYS C 369 16.18 35.42 -48.92
N LEU C 370 15.18 35.06 -49.71
CA LEU C 370 15.35 34.85 -51.15
C LEU C 370 15.90 36.10 -51.85
N GLU C 371 16.55 35.90 -52.98
CA GLU C 371 17.11 37.03 -53.73
C GLU C 371 16.10 37.81 -54.60
N HIS C 372 14.94 37.25 -54.94
CA HIS C 372 14.03 37.97 -55.85
C HIS C 372 13.63 39.36 -55.32
N HIS C 373 13.56 40.35 -56.21
CA HIS C 373 13.10 41.69 -55.82
C HIS C 373 11.60 41.68 -55.53
N HIS C 374 11.18 42.59 -54.63
CA HIS C 374 9.83 42.63 -54.02
C HIS C 374 9.73 41.60 -52.90
N SFG D . -23.78 -26.40 31.08
CA SFG D . -23.13 -27.05 29.88
C SFG D . -21.66 -26.68 29.80
O SFG D . -20.99 -27.30 28.94
OXT SFG D . -21.22 -25.84 30.59
CB SFG D . -23.75 -26.78 28.54
CG SFG D . -24.24 -25.35 28.43
CD SFG D . -24.65 -25.16 26.92
NE SFG D . -23.94 -24.02 26.29
C5' SFG D . -26.14 -24.96 26.70
C4' SFG D . -26.91 -26.25 27.07
O4' SFG D . -28.26 -25.82 27.28
C3' SFG D . -26.94 -27.31 25.95
O3' SFG D . -26.66 -28.62 26.50
C2' SFG D . -28.39 -27.26 25.40
O2' SFG D . -28.88 -28.60 25.05
C1' SFG D . -29.15 -26.73 26.59
N9 SFG D . -30.31 -25.85 26.27
C8 SFG D . -30.41 -24.77 25.48
N7 SFG D . -31.67 -24.34 25.54
C5 SFG D . -32.35 -25.13 26.38
C6 SFG D . -33.63 -25.14 26.79
N6 SFG D . -34.43 -24.18 26.31
N1 SFG D . -34.09 -26.04 27.66
C2 SFG D . -33.22 -27.02 28.13
N3 SFG D . -31.89 -27.01 27.67
C4 SFG D . -31.50 -26.06 26.81
C1 GOL E . -24.83 -5.78 43.89
O1 GOL E . -24.42 -6.79 44.81
C2 GOL E . -25.62 -6.34 42.72
O2 GOL E . -26.10 -5.22 41.99
C3 GOL E . -24.74 -7.21 41.81
O3 GOL E . -23.63 -6.50 41.20
C1 GOL F . -23.43 -8.15 53.47
O1 GOL F . -23.03 -7.50 52.27
C2 GOL F . -23.70 -9.65 53.29
O2 GOL F . -24.19 -9.97 51.98
C3 GOL F . -24.74 -10.08 54.30
O3 GOL F . -25.19 -11.44 54.13
C1 GOL G . -18.05 -6.65 33.83
O1 GOL G . -18.85 -7.45 34.73
C2 GOL G . -18.43 -5.17 33.95
O2 GOL G . -18.39 -4.77 35.33
C3 GOL G . -17.46 -4.29 33.17
O3 GOL G . -18.12 -3.02 32.93
N SFG H . -5.83 -14.96 -14.23
CA SFG H . -7.01 -14.88 -13.32
C SFG H . -6.88 -13.68 -12.35
O SFG H . -5.76 -13.10 -12.26
OXT SFG H . -7.88 -13.43 -11.66
CB SFG H . -7.28 -16.18 -12.55
CG SFG H . -5.99 -16.54 -11.82
CD SFG H . -6.25 -17.80 -10.90
NE SFG H . -5.57 -17.61 -9.63
C5' SFG H . -5.66 -19.11 -11.43
C4' SFG H . -6.42 -19.58 -12.68
O4' SFG H . -5.65 -20.72 -13.12
C3' SFG H . -7.85 -20.09 -12.36
O3' SFG H . -8.78 -19.37 -13.19
C2' SFG H . -7.82 -21.61 -12.73
O2' SFG H . -8.98 -21.95 -13.51
C1' SFG H . -6.59 -21.70 -13.64
N9 SFG H . -5.78 -22.97 -13.63
C8 SFG H . -5.04 -23.55 -12.69
N7 SFG H . -4.45 -24.64 -13.21
C5 SFG H . -4.82 -24.72 -14.50
C6 SFG H . -4.52 -25.60 -15.49
N6 SFG H . -3.72 -26.63 -15.19
N1 SFG H . -5.01 -25.46 -16.72
C2 SFG H . -5.86 -24.38 -17.01
N3 SFG H . -6.16 -23.48 -15.99
C4 SFG H . -5.63 -23.67 -14.75
N SFG I . 22.00 40.52 -27.15
CA SFG I . 22.40 40.89 -25.77
C SFG I . 23.32 39.82 -25.16
O SFG I . 23.88 40.14 -24.08
OXT SFG I . 23.47 38.74 -25.79
CB SFG I . 21.25 41.11 -24.77
CG SFG I . 20.17 40.07 -25.02
CD SFG I . 19.10 40.14 -23.85
NE SFG I . 18.79 38.82 -23.26
C5' SFG I . 17.80 40.75 -24.30
C4' SFG I . 18.02 42.18 -24.80
O4' SFG I . 16.77 42.46 -25.38
C3' SFG I . 18.24 43.21 -23.65
O3' SFG I . 19.35 44.11 -23.95
C2' SFG I . 16.95 44.00 -23.63
O2' SFG I . 17.25 45.39 -23.31
C1' SFG I . 16.50 43.81 -25.09
N9 SFG I . 15.05 43.79 -25.35
C8 SFG I . 14.09 43.01 -24.83
N7 SFG I . 12.93 43.35 -25.42
C5 SFG I . 13.19 44.31 -26.31
C6 SFG I . 12.39 44.98 -27.16
N6 SFG I . 11.09 44.68 -27.17
N1 SFG I . 12.88 45.94 -27.99
C2 SFG I . 14.26 46.24 -27.97
N3 SFG I . 15.08 45.53 -27.07
C4 SFG I . 14.51 44.58 -26.28
#